data_7ZVY
#
_entry.id   7ZVY
#
_cell.length_a   91.158
_cell.length_b   91.158
_cell.length_c   113.378
_cell.angle_alpha   90.000
_cell.angle_beta   90.000
_cell.angle_gamma   120.000
#
_symmetry.space_group_name_H-M   'P 31'
#
loop_
_entity.id
_entity.type
_entity.pdbx_description
1 polymer 'Cupin_2 domain-containing protein'
2 polymer 'Cupin_2 domain-containing protein'
3 polymer 'Cupin_2 domain-containing protein'
4 polymer 'Cupin_2 domain-containing protein'
5 non-polymer 'ZINC ION'
6 water water
#
loop_
_entity_poly.entity_id
_entity_poly.type
_entity_poly.pdbx_seq_one_letter_code
_entity_poly.pdbx_strand_id
1 'polypeptide(L)'
;MKAEIKNLIDRGTYRKLPLFEGELPEGSYAQIVEVKPKQTVKKHYHERQYELFYIISGEARLGIGDTEYQAKPGDIFLVK
PKTVHWVVNEKDEPFRLFVVKLNYHGDDSVWLEGSF
;
A,C,D,F
2 'polypeptide(L)'
;AEIKNLIDRGTYRKLPLFEGELPEGSYAQIVEVKPKQTVKKHYHERQYELFYIISGEARLGIGDTEYQAKPGDIFLVKPK
TVHWVVNEKDEPFRLFVVKLNYHGDDSVWLEGSF
;
B
3 'polypeptide(L)'
;NLIDRGTYRKLPLFEGELPEGSYAQIVEVKPKQTVKKHYHERQYELFYIISGEARLGIGDTEYQAKPGDIFLVKPKTVHW
VVNEKDEPFRLFVVKLNYHGDDSVWLEGSF
;
E,H
4 'polypeptide(L)'
;GTYRKLPLFEGELPEGSYAQIVEVKPKQTVKKHYHERQYELFYIISGEARLGIGDTEYQAKPGDIFLVKPKTVHWVVNEK
DEPFRLFVVKLNYHGDDSVWLEGSF
;
G
#
loop_
_chem_comp.id
_chem_comp.type
_chem_comp.name
_chem_comp.formula
ZN non-polymer 'ZINC ION' 'Zn 2'
#
# COMPACT_ATOMS: atom_id res chain seq x y z
N MET A 1 -16.10 8.33 -25.80
CA MET A 1 -15.44 8.99 -24.64
C MET A 1 -14.68 7.99 -23.77
N LYS A 2 -15.39 7.22 -22.93
CA LYS A 2 -14.81 6.12 -22.11
C LYS A 2 -14.62 4.82 -22.93
N ALA A 3 -13.56 4.06 -22.60
CA ALA A 3 -13.08 2.85 -23.31
C ALA A 3 -13.71 1.57 -22.73
N GLU A 4 -14.61 0.95 -23.51
CA GLU A 4 -15.22 -0.37 -23.19
C GLU A 4 -14.63 -1.46 -24.06
N ILE A 5 -13.70 -2.30 -23.53
CA ILE A 5 -13.08 -3.39 -24.31
C ILE A 5 -14.05 -4.56 -24.60
N LYS A 6 -14.68 -4.53 -25.77
CA LYS A 6 -15.74 -5.50 -26.19
C LYS A 6 -15.33 -6.23 -27.47
N ASN A 7 -14.10 -6.02 -27.91
CA ASN A 7 -13.58 -6.60 -29.17
C ASN A 7 -12.20 -7.14 -28.84
N LEU A 8 -12.02 -8.47 -28.98
CA LEU A 8 -10.75 -9.24 -28.82
C LEU A 8 -10.27 -9.70 -30.18
N ILE A 9 -8.97 -9.59 -30.48
CA ILE A 9 -8.37 -10.11 -31.74
C ILE A 9 -7.23 -11.00 -31.28
N ASP A 10 -7.20 -12.24 -31.76
CA ASP A 10 -6.30 -13.24 -31.16
C ASP A 10 -5.22 -13.55 -32.19
N ARG A 11 -3.96 -13.52 -31.75
CA ARG A 11 -2.75 -13.76 -32.55
C ARG A 11 -1.95 -14.85 -31.83
N GLY A 12 -2.56 -15.60 -30.90
CA GLY A 12 -1.98 -16.87 -30.45
C GLY A 12 -0.90 -16.63 -29.41
N THR A 13 0.20 -15.99 -29.81
CA THR A 13 1.25 -15.64 -28.84
C THR A 13 0.67 -14.57 -27.93
N TYR A 14 -0.49 -14.03 -28.33
CA TYR A 14 -1.10 -12.92 -27.55
C TYR A 14 -2.47 -12.57 -28.11
N ARG A 15 -2.99 -11.42 -27.71
CA ARG A 15 -4.32 -10.93 -28.16
C ARG A 15 -4.28 -9.41 -28.06
N LYS A 16 -5.03 -8.80 -28.95
CA LYS A 16 -5.04 -7.34 -29.11
C LYS A 16 -6.51 -6.94 -28.96
N LEU A 17 -6.81 -5.84 -28.25
CA LEU A 17 -8.23 -5.43 -27.98
C LEU A 17 -8.45 -3.99 -28.44
N PRO A 18 -8.95 -3.76 -29.65
CA PRO A 18 -8.98 -2.37 -30.08
C PRO A 18 -9.93 -1.48 -29.25
N LEU A 19 -9.72 -0.16 -29.36
CA LEU A 19 -10.39 0.83 -28.52
C LEU A 19 -10.79 1.97 -29.43
N PHE A 20 -12.02 2.46 -29.23
CA PHE A 20 -12.52 3.67 -29.91
C PHE A 20 -12.43 3.48 -31.42
N GLU A 21 -12.68 2.27 -31.95
CA GLU A 21 -12.48 1.99 -33.39
C GLU A 21 -13.44 2.91 -34.14
N GLY A 22 -12.98 3.53 -35.22
CA GLY A 22 -13.77 4.43 -36.08
C GLY A 22 -13.79 5.84 -35.52
N GLU A 23 -13.59 5.98 -34.21
CA GLU A 23 -13.68 7.30 -33.53
C GLU A 23 -12.40 8.05 -33.80
N LEU A 24 -11.29 7.35 -33.97
CA LEU A 24 -9.98 8.02 -34.05
C LEU A 24 -9.73 8.57 -35.45
N PRO A 25 -8.91 9.65 -35.55
CA PRO A 25 -8.52 10.18 -36.85
C PRO A 25 -7.69 9.19 -37.68
N GLU A 26 -7.53 9.50 -38.96
CA GLU A 26 -6.73 8.67 -39.92
C GLU A 26 -5.28 8.68 -39.45
N GLY A 27 -4.53 7.59 -39.67
CA GLY A 27 -3.14 7.48 -39.19
C GLY A 27 -3.03 7.18 -37.68
N SER A 28 -4.16 6.98 -36.99
CA SER A 28 -4.24 6.66 -35.53
C SER A 28 -4.78 5.25 -35.32
N TYR A 29 -4.45 4.68 -34.16
CA TYR A 29 -5.05 3.42 -33.66
C TYR A 29 -4.71 3.25 -32.19
N ALA A 30 -5.57 2.59 -31.47
CA ALA A 30 -5.33 2.38 -30.03
C ALA A 30 -5.97 1.08 -29.59
N GLN A 31 -5.32 0.42 -28.66
CA GLN A 31 -5.67 -0.96 -28.42
C GLN A 31 -4.90 -1.37 -27.20
N ILE A 32 -5.48 -2.30 -26.47
CA ILE A 32 -4.77 -3.01 -25.38
C ILE A 32 -4.15 -4.23 -25.99
N VAL A 33 -3.06 -4.66 -25.38
CA VAL A 33 -2.33 -5.84 -25.90
C VAL A 33 -2.10 -6.69 -24.70
N GLU A 34 -2.40 -7.93 -24.90
CA GLU A 34 -2.34 -8.89 -23.80
C GLU A 34 -1.36 -9.92 -24.30
N VAL A 35 -0.20 -9.98 -23.66
CA VAL A 35 0.78 -11.04 -23.98
C VAL A 35 0.50 -12.17 -23.00
N LYS A 36 -0.19 -13.21 -23.47
CA LYS A 36 -0.62 -14.40 -22.70
C LYS A 36 0.56 -15.00 -21.95
N PRO A 37 0.31 -15.53 -20.74
CA PRO A 37 1.34 -16.10 -19.89
C PRO A 37 2.41 -16.98 -20.58
N LYS A 38 3.67 -16.88 -20.12
CA LYS A 38 4.83 -17.72 -20.51
C LYS A 38 5.09 -17.59 -22.01
N GLN A 39 4.48 -16.62 -22.66
CA GLN A 39 4.52 -16.50 -24.12
C GLN A 39 5.47 -15.37 -24.47
N THR A 40 5.86 -15.36 -25.73
CA THR A 40 6.78 -14.32 -26.21
C THR A 40 6.18 -13.82 -27.49
N VAL A 41 6.46 -12.57 -27.76
CA VAL A 41 6.14 -11.95 -29.06
C VAL A 41 7.46 -11.84 -29.80
N LYS A 42 7.58 -12.48 -30.97
CA LYS A 42 8.85 -12.72 -31.74
C LYS A 42 9.29 -11.40 -32.37
N LYS A 43 10.59 -11.27 -32.63
CA LYS A 43 11.26 -10.06 -33.20
C LYS A 43 10.44 -9.53 -34.41
N HIS A 44 10.18 -8.22 -34.42
CA HIS A 44 9.37 -7.63 -35.51
C HIS A 44 9.57 -6.11 -35.57
N TYR A 45 9.35 -5.52 -36.76
CA TYR A 45 9.55 -4.06 -36.95
C TYR A 45 8.36 -3.48 -37.73
N HIS A 46 8.11 -2.18 -37.58
CA HIS A 46 6.93 -1.56 -38.24
C HIS A 46 7.39 -0.64 -39.38
N GLU A 47 6.84 -0.83 -40.59
CA GLU A 47 7.27 -0.03 -41.77
C GLU A 47 7.42 1.44 -41.35
N ARG A 48 6.29 2.12 -41.09
CA ARG A 48 6.46 3.52 -40.58
C ARG A 48 5.69 3.82 -39.32
N GLN A 49 4.86 2.85 -38.82
CA GLN A 49 4.00 3.35 -37.71
C GLN A 49 4.86 3.46 -36.46
N TYR A 50 4.50 4.39 -35.61
CA TYR A 50 5.13 4.49 -34.28
C TYR A 50 4.22 3.78 -33.30
N GLU A 51 4.79 3.22 -32.26
CA GLU A 51 4.02 2.52 -31.23
C GLU A 51 4.38 3.14 -29.89
N LEU A 52 3.42 3.83 -29.27
CA LEU A 52 3.60 4.27 -27.86
C LEU A 52 3.00 3.21 -26.98
N PHE A 53 3.79 2.67 -26.04
CA PHE A 53 3.37 1.69 -25.04
C PHE A 53 3.20 2.38 -23.69
N TYR A 54 2.08 2.12 -23.02
CA TYR A 54 1.97 2.31 -21.57
C TYR A 54 1.69 0.97 -20.95
N ILE A 55 2.61 0.53 -20.08
CA ILE A 55 2.59 -0.82 -19.53
C ILE A 55 1.60 -0.91 -18.38
N ILE A 56 0.59 -1.79 -18.49
CA ILE A 56 -0.60 -1.77 -17.59
C ILE A 56 -0.33 -2.77 -16.48
N SER A 57 0.02 -4.00 -16.87
CA SER A 57 0.18 -5.05 -15.82
C SER A 57 1.16 -6.14 -16.24
N GLY A 58 1.82 -6.77 -15.27
CA GLY A 58 2.75 -7.88 -15.54
C GLY A 58 4.15 -7.43 -15.90
N GLU A 59 5.07 -8.38 -16.06
CA GLU A 59 6.46 -8.05 -16.48
C GLU A 59 6.82 -8.88 -17.70
N ALA A 60 7.40 -8.26 -18.74
CA ALA A 60 7.86 -9.06 -19.90
C ALA A 60 9.11 -8.44 -20.50
N ARG A 61 10.17 -9.24 -20.64
CA ARG A 61 11.43 -8.78 -21.25
C ARG A 61 10.97 -8.09 -22.53
N LEU A 62 11.20 -6.78 -22.57
CA LEU A 62 10.85 -5.90 -23.70
C LEU A 62 12.15 -5.47 -24.35
N GLY A 63 12.19 -5.56 -25.67
CA GLY A 63 13.41 -5.32 -26.45
C GLY A 63 13.10 -4.43 -27.62
N ILE A 64 13.76 -3.26 -27.61
CA ILE A 64 13.62 -2.17 -28.62
C ILE A 64 15.05 -1.89 -29.09
N GLY A 65 15.31 -2.02 -30.40
CA GLY A 65 16.69 -2.01 -30.92
C GLY A 65 17.61 -2.81 -30.00
N ASP A 66 18.44 -2.12 -29.20
CA ASP A 66 19.63 -2.74 -28.55
C ASP A 66 19.45 -2.78 -27.03
N THR A 67 18.30 -2.30 -26.54
CA THR A 67 18.07 -2.22 -25.10
C THR A 67 16.89 -3.12 -24.77
N GLU A 68 17.15 -4.07 -23.89
CA GLU A 68 16.11 -4.92 -23.29
C GLU A 68 15.91 -4.36 -21.89
N TYR A 69 14.82 -3.64 -21.75
CA TYR A 69 14.28 -3.22 -20.44
C TYR A 69 13.52 -4.46 -19.99
N GLN A 70 13.18 -4.43 -18.71
CA GLN A 70 12.17 -5.29 -18.03
C GLN A 70 10.95 -4.40 -17.72
N ALA A 71 10.10 -4.26 -18.75
CA ALA A 71 8.83 -3.52 -18.81
C ALA A 71 7.95 -3.96 -17.66
N LYS A 72 7.83 -3.07 -16.67
CA LYS A 72 6.99 -3.18 -15.45
C LYS A 72 5.82 -2.26 -15.65
N PRO A 73 4.73 -2.38 -14.85
CA PRO A 73 3.66 -1.39 -14.83
C PRO A 73 4.19 0.05 -14.71
N GLY A 74 3.54 1.02 -15.37
CA GLY A 74 3.97 2.44 -15.33
C GLY A 74 5.04 2.77 -16.38
N ASP A 75 5.77 1.82 -16.94
CA ASP A 75 6.75 2.22 -17.97
C ASP A 75 6.01 2.71 -19.21
N ILE A 76 6.65 3.66 -19.89
CA ILE A 76 6.22 4.19 -21.20
C ILE A 76 7.33 3.98 -22.19
N PHE A 77 6.98 3.67 -23.42
CA PHE A 77 8.02 3.40 -24.43
C PHE A 77 7.58 3.94 -25.77
N LEU A 78 8.52 4.03 -26.70
CA LEU A 78 8.22 4.35 -28.13
C LEU A 78 9.04 3.40 -28.97
N VAL A 79 8.46 2.88 -30.05
CA VAL A 79 9.21 2.02 -31.01
C VAL A 79 9.23 2.72 -32.37
N LYS A 80 10.19 3.62 -32.58
CA LYS A 80 10.19 4.50 -33.79
C LYS A 80 10.19 3.51 -34.96
N PRO A 81 9.83 3.93 -36.19
CA PRO A 81 9.68 2.95 -37.26
C PRO A 81 11.09 2.49 -37.65
N LYS A 82 11.17 1.29 -38.24
CA LYS A 82 12.43 0.62 -38.68
C LYS A 82 13.25 0.17 -37.47
N THR A 83 12.53 -0.12 -36.38
CA THR A 83 13.08 -0.55 -35.07
C THR A 83 12.54 -1.95 -34.69
N VAL A 84 13.47 -2.84 -34.35
CA VAL A 84 13.27 -4.30 -34.07
C VAL A 84 12.91 -4.47 -32.58
N HIS A 85 11.61 -4.93 -32.39
CA HIS A 85 11.15 -5.18 -31.01
C HIS A 85 10.51 -6.55 -30.87
N TRP A 86 10.34 -6.91 -29.58
CA TRP A 86 9.86 -8.24 -29.16
C TRP A 86 9.69 -8.26 -27.64
N VAL A 87 9.11 -9.36 -27.17
CA VAL A 87 8.57 -9.43 -25.79
C VAL A 87 8.65 -10.89 -25.45
N VAL A 88 9.21 -11.15 -24.28
CA VAL A 88 9.17 -12.45 -23.60
C VAL A 88 8.39 -12.27 -22.30
N ASN A 89 7.25 -12.93 -22.18
CA ASN A 89 6.51 -12.93 -20.91
C ASN A 89 7.12 -14.02 -20.02
N GLU A 90 7.52 -13.62 -18.83
CA GLU A 90 8.21 -14.43 -17.81
C GLU A 90 7.20 -15.11 -16.89
N LYS A 91 6.08 -14.45 -16.58
CA LYS A 91 5.14 -14.82 -15.48
C LYS A 91 3.99 -15.69 -15.99
N ASP A 92 3.25 -16.23 -15.01
CA ASP A 92 1.96 -16.95 -15.14
C ASP A 92 0.83 -15.90 -15.15
N GLU A 93 1.17 -14.63 -15.49
CA GLU A 93 0.28 -13.44 -15.59
C GLU A 93 0.32 -12.91 -17.03
N PRO A 94 -0.81 -12.36 -17.55
CA PRO A 94 -0.76 -11.60 -18.80
C PRO A 94 0.09 -10.36 -18.55
N PHE A 95 0.93 -10.05 -19.54
CA PHE A 95 1.65 -8.77 -19.66
C PHE A 95 0.82 -7.86 -20.56
N ARG A 96 0.23 -6.84 -19.96
CA ARG A 96 -0.82 -6.03 -20.62
C ARG A 96 -0.37 -4.59 -20.77
N LEU A 97 -0.61 -3.99 -21.94
CA LEU A 97 -0.14 -2.62 -22.21
C LEU A 97 -1.10 -1.89 -23.13
N PHE A 98 -1.32 -0.61 -22.84
CA PHE A 98 -2.07 0.35 -23.68
C PHE A 98 -1.14 0.77 -24.77
N VAL A 99 -1.52 0.61 -26.04
CA VAL A 99 -0.65 0.94 -27.17
C VAL A 99 -1.44 2.00 -27.93
N VAL A 100 -0.77 3.01 -28.45
CA VAL A 100 -1.30 3.82 -29.58
C VAL A 100 -0.32 3.70 -30.73
N LYS A 101 -0.83 3.64 -31.96
CA LYS A 101 0.04 3.60 -33.16
C LYS A 101 0.01 4.96 -33.85
N LEU A 102 1.18 5.49 -34.22
CA LEU A 102 1.28 6.83 -34.85
C LEU A 102 1.83 6.67 -36.27
N ASN A 103 1.20 7.30 -37.27
CA ASN A 103 1.63 7.12 -38.68
C ASN A 103 1.18 5.73 -39.13
N TYR A 104 0.04 5.28 -38.60
CA TYR A 104 -0.49 3.93 -38.94
C TYR A 104 -1.54 4.05 -40.05
N HIS A 105 -1.17 3.59 -41.24
CA HIS A 105 -1.99 3.64 -42.48
C HIS A 105 -2.25 2.18 -42.89
N GLY A 106 -2.64 1.41 -41.88
CA GLY A 106 -2.86 -0.04 -41.97
C GLY A 106 -1.63 -0.81 -41.53
N ASP A 107 -1.67 -2.14 -41.72
CA ASP A 107 -0.60 -3.03 -41.19
C ASP A 107 0.78 -2.75 -41.78
N ASP A 108 1.59 -1.95 -41.10
CA ASP A 108 2.99 -1.74 -41.53
C ASP A 108 3.85 -2.78 -40.82
N SER A 109 3.25 -3.61 -39.97
CA SER A 109 4.06 -4.54 -39.14
C SER A 109 4.83 -5.55 -39.98
N VAL A 110 6.09 -5.82 -39.61
CA VAL A 110 6.92 -6.85 -40.31
C VAL A 110 7.63 -7.64 -39.20
N TRP A 111 7.94 -8.93 -39.41
CA TRP A 111 8.52 -9.73 -38.31
C TRP A 111 9.81 -10.42 -38.75
N LEU A 112 10.89 -10.32 -37.96
CA LEU A 112 12.16 -11.07 -38.29
C LEU A 112 11.98 -12.56 -37.95
N ALA B 1 17.63 -11.10 16.74
CA ALA B 1 17.52 -10.52 15.38
C ALA B 1 18.73 -9.62 15.10
N GLU B 2 19.78 -9.75 15.92
CA GLU B 2 20.95 -8.86 15.76
C GLU B 2 21.64 -9.05 14.40
N ILE B 3 21.80 -10.30 13.93
CA ILE B 3 22.49 -10.60 12.63
C ILE B 3 23.92 -10.03 12.61
N LYS B 4 24.94 -10.89 12.66
CA LYS B 4 26.37 -10.49 12.70
C LYS B 4 27.11 -11.81 12.53
N ASN B 5 26.65 -12.63 11.59
CA ASN B 5 27.17 -14.01 11.41
C ASN B 5 26.65 -14.52 10.06
N LEU B 6 27.35 -14.23 8.98
CA LEU B 6 26.91 -14.70 7.64
C LEU B 6 27.75 -15.93 7.32
N ILE B 7 27.17 -17.14 7.28
CA ILE B 7 27.87 -18.39 6.79
C ILE B 7 27.48 -18.58 5.33
N ASP B 8 28.43 -19.01 4.47
CA ASP B 8 28.27 -18.94 3.00
C ASP B 8 28.38 -20.35 2.40
N ARG B 9 27.54 -20.64 1.40
CA ARG B 9 27.49 -21.98 0.76
C ARG B 9 27.37 -21.80 -0.78
N GLY B 10 27.68 -20.58 -1.30
CA GLY B 10 27.70 -20.24 -2.75
C GLY B 10 26.32 -20.22 -3.37
N THR B 11 25.60 -21.36 -3.22
CA THR B 11 24.17 -21.42 -3.59
C THR B 11 23.37 -20.62 -2.55
N TYR B 12 23.62 -20.75 -1.26
CA TYR B 12 22.87 -19.97 -0.24
C TYR B 12 23.80 -19.52 0.86
N ARG B 13 23.36 -18.49 1.55
CA ARG B 13 24.02 -18.09 2.80
C ARG B 13 23.00 -18.23 3.91
N LYS B 14 23.52 -18.52 5.08
CA LYS B 14 22.67 -18.62 6.26
C LYS B 14 23.34 -17.83 7.32
N LEU B 15 22.49 -17.23 8.14
CA LEU B 15 22.87 -16.26 9.19
C LEU B 15 22.29 -16.77 10.49
N PRO B 16 23.05 -17.49 11.31
CA PRO B 16 22.44 -18.13 12.48
C PRO B 16 21.88 -17.06 13.42
N LEU B 17 21.01 -17.50 14.35
CA LEU B 17 20.32 -16.58 15.28
C LEU B 17 20.25 -17.22 16.65
N PHE B 18 20.49 -16.45 17.72
CA PHE B 18 20.39 -16.89 19.13
C PHE B 18 21.32 -18.08 19.35
N GLU B 19 22.54 -18.01 18.82
CA GLU B 19 23.49 -19.13 18.93
C GLU B 19 23.85 -19.27 20.39
N GLY B 20 23.89 -20.50 20.93
CA GLY B 20 24.19 -20.75 22.34
C GLY B 20 22.99 -20.47 23.22
N GLU B 21 22.13 -19.53 22.86
CA GLU B 21 20.99 -19.16 23.73
C GLU B 21 19.98 -20.31 23.72
N LEU B 22 19.84 -20.96 22.56
CA LEU B 22 18.76 -21.97 22.37
C LEU B 22 19.04 -23.32 23.05
N PRO B 23 17.98 -24.12 23.31
CA PRO B 23 18.13 -25.44 23.90
C PRO B 23 18.78 -26.42 22.91
N GLU B 24 19.45 -27.45 23.42
CA GLU B 24 20.14 -28.44 22.55
C GLU B 24 19.09 -29.15 21.70
N GLY B 25 19.42 -29.49 20.46
CA GLY B 25 18.43 -30.08 19.55
C GLY B 25 17.61 -28.99 18.88
N SER B 26 17.98 -27.73 19.13
CA SER B 26 17.28 -26.58 18.49
C SER B 26 18.29 -25.71 17.76
N TYR B 27 17.84 -24.93 16.80
CA TYR B 27 18.70 -24.02 16.02
C TYR B 27 17.79 -23.10 15.22
N ALA B 28 18.15 -21.84 15.12
CA ALA B 28 17.42 -20.93 14.24
C ALA B 28 18.40 -20.16 13.40
N GLN B 29 17.86 -19.58 12.35
CA GLN B 29 18.78 -19.03 11.35
C GLN B 29 17.97 -18.48 10.23
N ILE B 30 18.50 -17.44 9.62
CA ILE B 30 17.96 -16.95 8.33
C ILE B 30 18.69 -17.63 7.20
N VAL B 31 17.99 -17.79 6.11
CA VAL B 31 18.61 -18.42 4.93
C VAL B 31 18.21 -17.50 3.85
N GLU B 32 19.17 -17.25 2.98
CA GLU B 32 18.93 -16.50 1.75
C GLU B 32 19.46 -17.37 0.64
N VAL B 33 18.59 -17.70 -0.29
CA VAL B 33 19.00 -18.40 -1.51
C VAL B 33 19.34 -17.23 -2.40
N LYS B 34 20.62 -17.09 -2.73
CA LYS B 34 21.09 -15.92 -3.51
C LYS B 34 20.33 -15.90 -4.82
N PRO B 35 20.26 -14.71 -5.45
CA PRO B 35 19.60 -14.57 -6.76
C PRO B 35 19.86 -15.64 -7.85
N LYS B 36 18.83 -16.03 -8.59
CA LYS B 36 18.89 -16.98 -9.73
C LYS B 36 19.58 -18.30 -9.37
N GLN B 37 19.65 -18.68 -8.10
CA GLN B 37 20.40 -19.90 -7.71
C GLN B 37 19.45 -21.00 -7.29
N THR B 38 19.98 -22.21 -7.20
CA THR B 38 19.15 -23.36 -6.81
C THR B 38 19.93 -24.12 -5.78
N VAL B 39 19.19 -24.49 -4.74
CA VAL B 39 19.69 -25.32 -3.62
C VAL B 39 19.26 -26.73 -3.93
N LYS B 40 20.23 -27.64 -4.10
CA LYS B 40 20.08 -29.02 -4.60
C LYS B 40 18.99 -29.76 -3.83
N LYS B 41 18.55 -30.84 -4.44
CA LYS B 41 17.74 -31.89 -3.77
C LYS B 41 18.58 -32.28 -2.54
N HIS B 42 17.90 -32.46 -1.42
CA HIS B 42 18.56 -32.98 -0.19
C HIS B 42 17.45 -33.56 0.69
N TYR B 43 17.82 -34.12 1.84
CA TYR B 43 16.90 -34.35 2.99
C TYR B 43 17.72 -34.49 4.29
N HIS B 44 17.00 -34.56 5.42
CA HIS B 44 17.70 -34.66 6.73
C HIS B 44 17.33 -35.96 7.42
N GLU B 45 18.32 -36.67 7.99
CA GLU B 45 18.05 -38.00 8.58
C GLU B 45 17.07 -37.92 9.77
N ARG B 46 17.20 -36.92 10.64
CA ARG B 46 16.37 -36.90 11.87
C ARG B 46 15.76 -35.52 12.14
N GLN B 47 16.55 -34.45 12.01
CA GLN B 47 16.04 -33.09 12.36
C GLN B 47 14.83 -32.72 11.52
N TYR B 48 14.01 -31.75 11.94
CA TYR B 48 12.99 -31.21 11.00
C TYR B 48 13.49 -29.82 10.65
N GLU B 49 12.85 -29.20 9.67
CA GLU B 49 13.01 -27.76 9.43
C GLU B 49 11.63 -27.13 9.38
N LEU B 50 11.40 -26.07 10.16
CA LEU B 50 10.22 -25.16 10.03
C LEU B 50 10.70 -23.94 9.29
N PHE B 51 9.98 -23.55 8.24
CA PHE B 51 10.30 -22.39 7.44
C PHE B 51 9.19 -21.40 7.63
N TYR B 52 9.56 -20.13 7.78
CA TYR B 52 8.69 -18.96 7.56
C TYR B 52 9.34 -18.13 6.47
N ILE B 53 8.65 -17.95 5.34
CA ILE B 53 9.17 -17.27 4.14
C ILE B 53 9.07 -15.78 4.35
N ILE B 54 10.20 -15.12 4.19
CA ILE B 54 10.39 -13.72 4.62
C ILE B 54 10.16 -12.87 3.42
N SER B 55 10.90 -13.15 2.34
CA SER B 55 10.88 -12.30 1.13
C SER B 55 11.33 -13.08 -0.12
N GLY B 56 11.09 -12.48 -1.26
CA GLY B 56 11.28 -13.14 -2.58
C GLY B 56 10.41 -14.36 -2.79
N GLU B 57 10.56 -14.98 -3.97
CA GLU B 57 9.81 -16.20 -4.35
C GLU B 57 10.80 -17.24 -4.89
N ALA B 58 10.48 -18.50 -4.66
CA ALA B 58 11.21 -19.62 -5.23
C ALA B 58 10.25 -20.79 -5.45
N ARG B 59 10.73 -21.77 -6.20
CA ARG B 59 10.09 -23.09 -6.29
C ARG B 59 10.56 -23.92 -5.10
N LEU B 60 9.67 -24.13 -4.12
CA LEU B 60 10.04 -24.93 -2.96
C LEU B 60 9.44 -26.33 -3.09
N GLY B 61 10.29 -27.32 -2.98
CA GLY B 61 9.95 -28.74 -3.14
C GLY B 61 10.12 -29.46 -1.82
N ILE B 62 9.17 -30.33 -1.51
CA ILE B 62 9.28 -31.29 -0.38
C ILE B 62 8.67 -32.59 -0.90
N GLY B 63 9.48 -33.64 -1.00
CA GLY B 63 8.99 -34.86 -1.65
C GLY B 63 8.29 -34.52 -2.98
N ASP B 64 6.97 -34.66 -3.04
CA ASP B 64 6.22 -34.65 -4.33
C ASP B 64 5.34 -33.40 -4.44
N THR B 65 5.65 -32.32 -3.74
CA THR B 65 4.85 -31.10 -3.92
C THR B 65 5.74 -29.88 -4.02
N GLU B 66 5.68 -29.19 -5.14
CA GLU B 66 6.42 -27.95 -5.39
C GLU B 66 5.41 -26.83 -5.32
N TYR B 67 5.52 -26.00 -4.28
CA TYR B 67 4.71 -24.77 -4.07
C TYR B 67 5.52 -23.66 -4.70
N GLN B 68 4.85 -22.51 -4.90
CA GLN B 68 5.50 -21.25 -5.31
C GLN B 68 5.72 -20.40 -4.04
N ALA B 69 6.68 -20.81 -3.20
CA ALA B 69 7.01 -20.19 -1.89
C ALA B 69 7.01 -18.67 -2.04
N LYS B 70 6.11 -18.00 -1.28
CA LYS B 70 5.92 -16.52 -1.26
C LYS B 70 5.83 -16.03 0.18
N PRO B 71 6.17 -14.75 0.41
CA PRO B 71 6.16 -14.24 1.76
C PRO B 71 4.87 -14.68 2.48
N GLY B 72 5.02 -15.02 3.77
CA GLY B 72 3.93 -15.44 4.66
C GLY B 72 3.73 -16.94 4.67
N ASP B 73 4.22 -17.67 3.67
CA ASP B 73 4.05 -19.14 3.59
C ASP B 73 4.81 -19.73 4.74
N ILE B 74 4.28 -20.81 5.34
CA ILE B 74 4.92 -21.52 6.45
C ILE B 74 5.04 -22.97 6.04
N PHE B 75 6.18 -23.58 6.26
CA PHE B 75 6.43 -24.96 5.75
C PHE B 75 7.13 -25.79 6.80
N LEU B 76 6.83 -27.09 6.78
CA LEU B 76 7.51 -28.07 7.64
C LEU B 76 8.09 -29.15 6.73
N VAL B 77 9.36 -29.46 6.93
CA VAL B 77 10.11 -30.43 6.12
C VAL B 77 10.62 -31.55 7.03
N LYS B 78 9.70 -32.48 7.30
CA LYS B 78 9.92 -33.60 8.24
C LYS B 78 11.17 -34.31 7.76
N PRO B 79 11.80 -35.14 8.60
CA PRO B 79 13.12 -35.66 8.27
C PRO B 79 12.90 -36.74 7.20
N LYS B 80 13.99 -37.15 6.55
CA LYS B 80 14.02 -38.22 5.52
C LYS B 80 13.18 -37.83 4.31
N THR B 81 13.02 -36.53 4.11
CA THR B 81 12.18 -35.96 3.04
C THR B 81 12.98 -35.00 2.14
N VAL B 82 13.04 -35.36 0.87
CA VAL B 82 13.87 -34.62 -0.11
C VAL B 82 13.24 -33.25 -0.36
N HIS B 83 14.04 -32.17 -0.26
CA HIS B 83 13.61 -30.78 -0.57
C HIS B 83 14.69 -30.02 -1.35
N TRP B 84 14.23 -28.93 -1.97
CA TRP B 84 15.05 -28.10 -2.90
C TRP B 84 14.41 -26.73 -3.01
N VAL B 85 15.23 -25.77 -3.42
CA VAL B 85 14.74 -24.40 -3.71
C VAL B 85 15.36 -24.05 -5.06
N VAL B 86 14.50 -23.59 -5.96
CA VAL B 86 14.91 -22.83 -7.16
C VAL B 86 14.47 -21.38 -6.94
N ASN B 87 15.47 -20.51 -6.91
CA ASN B 87 15.23 -19.08 -7.04
C ASN B 87 15.32 -18.70 -8.51
N GLU B 88 14.24 -18.14 -9.05
CA GLU B 88 14.16 -17.71 -10.48
C GLU B 88 14.21 -16.18 -10.58
N LYS B 89 14.29 -15.47 -9.44
CA LYS B 89 14.27 -13.99 -9.38
C LYS B 89 15.65 -13.41 -9.13
N ASP B 90 15.80 -12.11 -9.42
CA ASP B 90 17.06 -11.32 -9.27
C ASP B 90 17.17 -10.79 -7.83
N GLU B 91 16.40 -11.36 -6.90
CA GLU B 91 16.49 -11.06 -5.46
C GLU B 91 16.77 -12.33 -4.67
N PRO B 92 17.41 -12.19 -3.49
CA PRO B 92 17.58 -13.32 -2.58
C PRO B 92 16.19 -13.83 -2.21
N PHE B 93 16.11 -15.11 -1.93
CA PHE B 93 14.91 -15.72 -1.38
C PHE B 93 15.19 -15.94 0.10
N ARG B 94 14.44 -15.27 0.98
CA ARG B 94 14.85 -15.21 2.42
C ARG B 94 13.79 -15.80 3.32
N LEU B 95 14.19 -16.71 4.21
CA LEU B 95 13.22 -17.41 5.07
C LEU B 95 13.79 -17.59 6.46
N PHE B 96 12.89 -17.62 7.43
CA PHE B 96 13.22 -17.95 8.86
C PHE B 96 13.17 -19.45 8.95
N VAL B 97 14.20 -20.09 9.54
CA VAL B 97 14.27 -21.54 9.68
C VAL B 97 14.43 -21.79 11.18
N VAL B 98 13.61 -22.67 11.72
CA VAL B 98 13.90 -23.30 13.03
C VAL B 98 14.15 -24.77 12.75
N LYS B 99 15.16 -25.31 13.39
CA LYS B 99 15.54 -26.72 13.25
C LYS B 99 15.18 -27.44 14.54
N LEU B 100 14.44 -28.54 14.44
CA LEU B 100 14.04 -29.36 15.61
C LEU B 100 14.76 -30.70 15.56
N ASN B 101 14.86 -31.39 16.70
CA ASN B 101 15.71 -32.59 16.90
C ASN B 101 16.96 -32.48 16.02
N TYR B 102 17.66 -31.34 16.11
CA TYR B 102 18.89 -30.96 15.36
C TYR B 102 20.14 -31.34 16.18
N HIS B 103 21.11 -32.00 15.55
CA HIS B 103 22.33 -32.51 16.25
C HIS B 103 23.60 -32.14 15.49
N GLY B 104 23.49 -31.22 14.53
CA GLY B 104 24.68 -30.76 13.79
C GLY B 104 24.45 -30.88 12.30
N ASP B 105 25.00 -31.93 11.68
CA ASP B 105 24.71 -32.14 10.24
C ASP B 105 24.01 -33.48 10.00
N ASP B 106 22.89 -33.46 9.29
CA ASP B 106 22.20 -34.72 8.88
C ASP B 106 21.90 -34.47 7.41
N SER B 107 22.74 -33.65 6.77
CA SER B 107 22.49 -33.23 5.35
C SER B 107 22.80 -34.33 4.35
N VAL B 108 21.79 -34.92 3.73
CA VAL B 108 22.05 -35.88 2.62
C VAL B 108 21.42 -35.25 1.38
N TRP B 109 22.19 -35.02 0.32
CA TRP B 109 21.65 -34.27 -0.84
C TRP B 109 21.46 -35.17 -2.06
N LEU B 110 20.27 -35.11 -2.67
CA LEU B 110 19.99 -35.94 -3.88
C LEU B 110 20.39 -35.14 -5.13
N MET C 1 3.59 28.38 4.62
CA MET C 1 2.98 29.41 3.73
C MET C 1 2.42 28.71 2.50
N LYS C 2 3.03 27.60 2.08
CA LYS C 2 2.52 26.82 0.92
C LYS C 2 3.54 25.76 0.50
N ALA C 3 3.30 25.11 -0.65
CA ALA C 3 4.19 24.08 -1.20
C ALA C 3 3.54 23.61 -2.51
N GLU C 4 4.21 24.01 -3.61
CA GLU C 4 3.74 23.69 -4.97
C GLU C 4 4.96 23.36 -5.83
N ILE C 5 5.11 22.04 -6.17
CA ILE C 5 6.10 21.57 -7.17
C ILE C 5 6.07 22.48 -8.40
N LYS C 6 7.20 23.15 -8.67
CA LYS C 6 7.29 24.20 -9.72
C LYS C 6 8.73 24.26 -10.22
N ASN C 7 8.89 24.05 -11.53
CA ASN C 7 10.20 23.82 -12.18
C ASN C 7 10.60 22.37 -11.91
N LEU C 8 11.54 21.90 -12.74
CA LEU C 8 12.34 20.66 -12.60
C LEU C 8 13.73 21.00 -13.15
N ILE C 9 14.79 20.36 -12.63
CA ILE C 9 16.20 20.57 -13.08
C ILE C 9 16.84 19.19 -13.19
N ASP C 10 16.77 18.56 -14.37
CA ASP C 10 17.10 17.12 -14.54
C ASP C 10 18.62 16.98 -14.77
N ARG C 11 19.23 16.05 -14.04
CA ARG C 11 20.69 15.78 -14.04
C ARG C 11 20.85 14.27 -14.28
N GLY C 12 20.21 13.69 -15.29
CA GLY C 12 20.50 12.33 -15.78
C GLY C 12 20.41 11.24 -14.71
N THR C 13 20.98 11.50 -13.54
CA THR C 13 21.00 10.52 -12.41
C THR C 13 19.92 10.86 -11.37
N TYR C 14 19.61 12.15 -11.21
CA TYR C 14 18.64 12.61 -10.18
C TYR C 14 17.89 13.84 -10.71
N ARG C 15 16.75 14.12 -10.08
CA ARG C 15 15.94 15.34 -10.34
C ARG C 15 16.21 16.37 -9.25
N LYS C 16 15.75 17.61 -9.44
CA LYS C 16 16.06 18.75 -8.53
C LYS C 16 14.95 19.80 -8.66
N LEU C 17 14.09 19.83 -7.66
CA LEU C 17 12.80 20.55 -7.70
C LEU C 17 12.83 21.58 -6.57
N PRO C 18 13.26 22.83 -6.83
CA PRO C 18 13.30 23.86 -5.79
C PRO C 18 11.91 24.24 -5.25
N LEU C 19 11.87 24.74 -4.00
CA LEU C 19 10.61 25.21 -3.37
C LEU C 19 10.90 26.56 -2.71
N PHE C 20 9.89 27.44 -2.55
CA PHE C 20 9.98 28.70 -1.78
C PHE C 20 11.11 29.60 -2.30
N GLU C 21 11.32 29.53 -3.61
CA GLU C 21 12.40 30.24 -4.34
C GLU C 21 12.29 31.74 -4.05
N GLY C 22 13.41 32.41 -3.80
CA GLY C 22 13.45 33.87 -3.52
C GLY C 22 12.83 34.23 -2.17
N GLU C 23 12.17 33.28 -1.50
CA GLU C 23 11.55 33.46 -0.14
C GLU C 23 12.60 33.18 0.94
N LEU C 24 13.53 32.23 0.71
CA LEU C 24 14.50 31.75 1.72
C LEU C 24 15.64 32.75 1.89
N PRO C 25 16.11 32.99 3.14
CA PRO C 25 17.03 34.10 3.40
C PRO C 25 18.38 33.86 2.71
N GLU C 26 19.24 34.88 2.70
CA GLU C 26 20.64 34.77 2.21
C GLU C 26 21.32 33.61 2.93
N GLY C 27 21.87 32.65 2.19
CA GLY C 27 22.64 31.53 2.77
C GLY C 27 21.78 30.33 3.10
N SER C 28 20.50 30.36 2.69
CA SER C 28 19.57 29.20 2.75
C SER C 28 19.10 28.76 1.37
N TYR C 29 18.54 27.56 1.32
CA TYR C 29 17.99 26.94 0.09
C TYR C 29 17.27 25.64 0.43
N ALA C 30 16.23 25.30 -0.32
CA ALA C 30 15.38 24.10 -0.10
C ALA C 30 14.96 23.54 -1.43
N GLN C 31 14.80 22.23 -1.45
CA GLN C 31 14.30 21.58 -2.66
C GLN C 31 14.01 20.14 -2.29
N ILE C 32 13.22 19.48 -3.13
CA ILE C 32 13.18 18.00 -3.19
C ILE C 32 14.17 17.57 -4.29
N VAL C 33 14.75 16.37 -4.12
CA VAL C 33 15.52 15.69 -5.19
C VAL C 33 14.96 14.28 -5.30
N GLU C 34 15.11 13.71 -6.49
CA GLU C 34 14.63 12.36 -6.81
C GLU C 34 15.81 11.61 -7.39
N VAL C 35 16.23 10.55 -6.71
CA VAL C 35 17.28 9.68 -7.27
C VAL C 35 16.55 8.65 -8.12
N LYS C 36 16.66 8.83 -9.44
CA LYS C 36 15.96 8.00 -10.45
C LYS C 36 16.22 6.54 -10.15
N PRO C 37 15.23 5.65 -10.37
CA PRO C 37 15.34 4.25 -9.91
C PRO C 37 16.48 3.50 -10.60
N LYS C 38 17.20 2.67 -9.83
CA LYS C 38 18.30 1.79 -10.29
C LYS C 38 19.49 2.63 -10.78
N GLN C 39 19.68 3.84 -10.23
CA GLN C 39 20.83 4.74 -10.51
C GLN C 39 21.75 4.78 -9.28
N THR C 40 22.87 5.50 -9.41
CA THR C 40 23.79 5.90 -8.31
C THR C 40 24.12 7.37 -8.54
N VAL C 41 24.31 8.13 -7.46
CA VAL C 41 24.79 9.53 -7.51
C VAL C 41 26.18 9.54 -6.88
N LYS C 42 27.23 9.84 -7.65
CA LYS C 42 28.61 9.50 -7.23
C LYS C 42 29.05 10.29 -6.01
N LYS C 43 30.35 10.18 -5.76
CA LYS C 43 31.08 10.85 -4.65
C LYS C 43 31.47 12.29 -4.99
N HIS C 44 30.88 13.17 -4.15
CA HIS C 44 31.21 14.61 -4.27
C HIS C 44 31.36 15.20 -2.88
N TYR C 45 31.65 16.50 -2.80
CA TYR C 45 31.42 17.20 -1.52
C TYR C 45 30.94 18.61 -1.86
N HIS C 46 30.72 19.41 -0.82
CA HIS C 46 30.43 20.86 -0.97
C HIS C 46 31.56 21.64 -0.29
N GLU C 47 32.14 22.63 -0.97
CA GLU C 47 33.23 23.44 -0.37
C GLU C 47 32.71 24.05 0.94
N ARG C 48 31.55 24.71 0.90
CA ARG C 48 31.13 25.48 2.10
C ARG C 48 29.71 25.21 2.57
N GLN C 49 28.84 24.57 1.76
CA GLN C 49 27.44 24.37 2.19
C GLN C 49 27.31 23.02 2.92
N TYR C 50 26.30 23.00 3.80
CA TYR C 50 25.74 21.83 4.53
C TYR C 50 24.54 21.30 3.75
N GLU C 51 24.24 20.02 3.88
CA GLU C 51 22.98 19.45 3.35
C GLU C 51 22.27 18.79 4.52
N LEU C 52 20.98 19.11 4.73
CA LEU C 52 20.07 18.40 5.65
C LEU C 52 19.12 17.59 4.79
N PHE C 53 19.06 16.27 4.96
CA PHE C 53 18.09 15.42 4.22
C PHE C 53 16.98 15.01 5.16
N TYR C 54 15.72 15.07 4.70
CA TYR C 54 14.70 14.17 5.16
C TYR C 54 14.35 13.19 4.04
N ILE C 55 14.50 11.88 4.30
CA ILE C 55 14.14 10.82 3.29
C ILE C 55 12.64 10.70 3.18
N ILE C 56 12.06 11.03 2.03
CA ILE C 56 10.60 10.89 1.81
C ILE C 56 10.24 9.46 1.43
N SER C 57 10.70 8.95 0.30
CA SER C 57 10.27 7.59 -0.14
C SER C 57 11.39 6.87 -0.88
N GLY C 58 11.15 5.60 -1.15
CA GLY C 58 12.18 4.68 -1.65
C GLY C 58 13.19 4.33 -0.58
N GLU C 59 14.34 3.81 -1.01
CA GLU C 59 15.42 3.41 -0.06
C GLU C 59 16.70 3.23 -0.87
N ALA C 60 17.82 3.78 -0.39
CA ALA C 60 19.05 3.72 -1.22
C ALA C 60 20.32 3.82 -0.37
N ARG C 61 21.23 2.85 -0.50
CA ARG C 61 22.55 2.95 0.18
C ARG C 61 22.97 4.42 0.09
N LEU C 62 23.19 5.06 1.24
CA LEU C 62 23.62 6.48 1.32
C LEU C 62 24.91 6.51 2.13
N GLY C 63 25.97 7.03 1.53
CA GLY C 63 27.31 7.11 2.12
C GLY C 63 27.61 8.53 2.54
N ILE C 64 28.19 8.68 3.74
CA ILE C 64 28.68 10.00 4.26
C ILE C 64 30.08 9.79 4.86
N GLY C 65 31.10 10.55 4.42
CA GLY C 65 32.46 10.39 4.99
C GLY C 65 32.87 8.92 5.19
N ASP C 66 32.83 8.36 6.42
CA ASP C 66 33.30 6.96 6.64
C ASP C 66 32.18 5.95 6.93
N THR C 67 30.93 6.27 6.60
CA THR C 67 29.80 5.38 6.93
C THR C 67 28.78 5.37 5.78
N GLU C 68 28.27 4.19 5.43
CA GLU C 68 27.20 4.12 4.41
C GLU C 68 25.96 3.57 5.10
N TYR C 69 24.82 4.24 4.92
CA TYR C 69 23.58 3.81 5.64
C TYR C 69 22.55 3.26 4.68
N GLN C 70 21.67 2.39 5.17
CA GLN C 70 20.55 1.86 4.37
C GLN C 70 19.36 2.80 4.56
N ALA C 71 19.39 3.95 3.87
CA ALA C 71 18.45 5.08 4.07
C ALA C 71 17.02 4.66 3.75
N LYS C 72 16.10 4.92 4.69
CA LYS C 72 14.67 4.58 4.59
C LYS C 72 13.88 5.84 4.90
N PRO C 73 12.61 5.96 4.52
CA PRO C 73 11.84 7.18 4.80
C PRO C 73 11.78 7.47 6.30
N GLY C 74 11.97 8.73 6.68
CA GLY C 74 11.95 9.13 8.10
C GLY C 74 13.32 9.30 8.66
N ASP C 75 14.32 8.88 7.92
CA ASP C 75 15.70 9.09 8.31
C ASP C 75 16.06 10.50 7.94
N ILE C 76 16.68 11.16 8.88
CA ILE C 76 17.18 12.53 8.64
C ILE C 76 18.70 12.38 8.61
N PHE C 77 19.39 13.01 7.67
CA PHE C 77 20.87 13.09 7.69
C PHE C 77 21.34 14.54 7.64
N LEU C 78 22.57 14.72 8.12
CA LEU C 78 23.37 15.94 7.88
C LEU C 78 24.66 15.56 7.13
N VAL C 79 24.92 16.27 6.04
CA VAL C 79 26.17 16.27 5.23
C VAL C 79 26.87 17.61 5.42
N LYS C 80 27.95 17.63 6.22
CA LYS C 80 28.76 18.86 6.45
C LYS C 80 29.60 19.12 5.20
N PRO C 81 30.10 20.35 4.98
CA PRO C 81 30.91 20.63 3.79
C PRO C 81 32.25 19.91 3.94
N LYS C 82 33.04 19.83 2.86
CA LYS C 82 34.30 19.01 2.79
C LYS C 82 33.99 17.57 3.22
N THR C 83 32.77 17.10 2.99
CA THR C 83 32.43 15.68 3.32
C THR C 83 31.86 15.03 2.07
N VAL C 84 32.42 13.84 1.77
CA VAL C 84 32.05 13.06 0.55
C VAL C 84 30.71 12.42 0.85
N HIS C 85 29.79 12.55 -0.08
CA HIS C 85 28.47 11.91 0.05
C HIS C 85 28.03 11.37 -1.31
N TRP C 86 27.29 10.27 -1.30
CA TRP C 86 26.91 9.53 -2.51
C TRP C 86 25.57 8.87 -2.20
N VAL C 87 24.81 8.54 -3.22
CA VAL C 87 23.70 7.56 -3.07
C VAL C 87 23.80 6.54 -4.21
N VAL C 88 23.44 5.30 -3.88
CA VAL C 88 23.10 4.22 -4.84
C VAL C 88 21.67 3.76 -4.56
N ASN C 89 20.75 4.00 -5.52
CA ASN C 89 19.33 3.60 -5.39
C ASN C 89 19.00 2.45 -6.34
N GLU C 90 19.04 1.21 -5.87
CA GLU C 90 18.70 0.00 -6.67
C GLU C 90 17.23 -0.08 -7.12
N LYS C 91 16.25 0.33 -6.30
CA LYS C 91 14.80 0.07 -6.59
C LYS C 91 14.24 0.75 -7.86
N ASP C 92 13.34 0.06 -8.59
CA ASP C 92 12.68 0.59 -9.81
C ASP C 92 11.81 1.80 -9.44
N GLU C 93 11.79 2.17 -8.17
CA GLU C 93 11.06 3.34 -7.61
C GLU C 93 12.06 4.45 -7.31
N PRO C 94 11.70 5.71 -7.59
CA PRO C 94 12.53 6.83 -7.19
C PRO C 94 12.90 6.69 -5.71
N PHE C 95 14.05 7.26 -5.35
CA PHE C 95 14.48 7.52 -3.95
C PHE C 95 14.33 9.02 -3.69
N ARG C 96 13.37 9.42 -2.86
CA ARG C 96 12.90 10.82 -2.85
C ARG C 96 13.45 11.44 -1.56
N LEU C 97 13.92 12.68 -1.56
CA LEU C 97 14.16 13.28 -0.23
C LEU C 97 14.00 14.79 -0.24
N PHE C 98 13.74 15.33 0.95
CA PHE C 98 13.53 16.77 1.15
C PHE C 98 14.89 17.31 1.52
N VAL C 99 15.39 18.28 0.79
CA VAL C 99 16.79 18.67 1.04
C VAL C 99 16.72 20.12 1.45
N VAL C 100 17.46 20.47 2.49
CA VAL C 100 17.67 21.90 2.82
C VAL C 100 19.16 22.19 2.74
N LYS C 101 19.53 23.34 2.22
CA LYS C 101 20.96 23.62 2.13
C LYS C 101 21.23 24.83 2.99
N LEU C 102 22.35 24.82 3.71
CA LEU C 102 22.68 25.97 4.57
C LEU C 102 24.03 26.52 4.16
N ASN C 103 24.26 27.80 4.43
CA ASN C 103 25.44 28.51 3.89
C ASN C 103 25.52 28.05 2.43
N TYR C 104 24.36 28.05 1.77
CA TYR C 104 24.26 27.81 0.32
C TYR C 104 24.49 29.15 -0.36
N HIS C 105 25.58 29.19 -1.12
CA HIS C 105 26.21 30.39 -1.71
C HIS C 105 26.29 30.16 -3.21
N GLY C 106 25.41 29.28 -3.71
CA GLY C 106 25.41 28.73 -5.08
C GLY C 106 25.80 27.28 -5.06
N ASP C 107 26.39 26.81 -6.17
CA ASP C 107 26.91 25.43 -6.30
C ASP C 107 28.36 25.40 -5.77
N ASP C 108 28.74 24.31 -5.10
CA ASP C 108 30.14 24.02 -4.67
C ASP C 108 30.43 22.50 -4.77
N SER C 109 29.80 21.87 -5.87
CA SER C 109 29.94 20.41 -6.16
C SER C 109 31.36 20.08 -6.65
N VAL C 110 32.21 19.45 -5.83
CA VAL C 110 33.53 18.92 -6.27
C VAL C 110 33.48 17.39 -6.33
N TRP C 111 33.28 16.84 -7.55
CA TRP C 111 32.96 15.42 -7.74
C TRP C 111 34.23 14.58 -7.70
N LEU C 112 34.23 13.49 -6.91
CA LEU C 112 35.36 12.51 -6.96
C LEU C 112 35.23 11.62 -8.20
N MET D 1 26.08 13.35 11.64
CA MET D 1 25.85 13.06 10.20
C MET D 1 24.61 12.20 10.01
N LYS D 2 23.89 11.84 11.08
CA LYS D 2 22.67 11.03 10.93
C LYS D 2 21.75 11.14 12.15
N ALA D 3 20.42 11.17 11.90
CA ALA D 3 19.25 11.17 12.83
C ALA D 3 19.64 11.40 14.29
N GLU D 4 19.13 10.52 15.19
CA GLU D 4 19.22 10.43 16.68
C GLU D 4 17.82 10.51 17.33
N ILE D 5 17.55 11.62 18.03
CA ILE D 5 16.38 11.96 18.89
C ILE D 5 16.93 12.32 20.25
N LYS D 6 17.25 11.31 21.10
CA LYS D 6 18.08 11.39 22.33
C LYS D 6 17.78 12.60 23.22
N ASN D 7 17.33 13.70 22.63
CA ASN D 7 17.05 14.94 23.38
C ASN D 7 15.59 15.35 23.17
N LEU D 8 14.79 15.31 24.22
CA LEU D 8 13.39 15.78 24.22
C LEU D 8 13.27 17.02 25.09
N ILE D 9 12.66 18.09 24.58
CA ILE D 9 12.31 19.29 25.39
C ILE D 9 10.80 19.38 25.43
N ASP D 10 10.21 19.26 26.61
CA ASP D 10 8.74 19.27 26.75
C ASP D 10 8.32 20.73 26.88
N ARG D 11 7.33 21.13 26.08
CA ARG D 11 6.64 22.44 26.17
C ARG D 11 5.15 22.14 26.34
N GLY D 12 4.82 21.13 27.16
CA GLY D 12 3.47 20.93 27.73
C GLY D 12 2.41 20.73 26.66
N THR D 13 2.16 21.77 25.84
CA THR D 13 1.39 21.65 24.57
C THR D 13 2.22 20.81 23.58
N TYR D 14 3.51 21.01 23.40
CA TYR D 14 4.21 20.28 22.33
C TYR D 14 5.55 19.87 22.92
N ARG D 15 6.10 18.82 22.36
CA ARG D 15 7.53 18.48 22.54
C ARG D 15 8.26 18.97 21.30
N LYS D 16 9.54 19.21 21.49
CA LYS D 16 10.48 19.40 20.38
C LYS D 16 11.67 18.52 20.69
N LEU D 17 12.35 18.01 19.64
CA LEU D 17 13.46 17.04 19.84
C LEU D 17 14.65 17.47 18.99
N PRO D 18 15.62 18.17 19.58
CA PRO D 18 16.66 18.71 18.73
C PRO D 18 17.40 17.61 17.95
N LEU D 19 18.00 18.06 16.86
CA LEU D 19 18.74 17.20 15.94
C LEU D 19 19.94 17.97 15.54
N PHE D 20 21.08 17.26 15.55
CA PHE D 20 22.41 17.71 15.07
C PHE D 20 22.80 18.97 15.87
N GLU D 21 22.57 18.95 17.17
CA GLU D 21 22.89 20.14 18.03
C GLU D 21 24.42 20.33 17.96
N GLY D 22 24.87 21.58 17.81
CA GLY D 22 26.31 21.91 17.74
C GLY D 22 26.90 21.61 16.38
N GLU D 23 26.27 20.76 15.58
CA GLU D 23 26.86 20.35 14.27
C GLU D 23 26.49 21.40 13.23
N LEU D 24 25.40 22.13 13.44
CA LEU D 24 24.89 23.00 12.38
C LEU D 24 25.51 24.40 12.46
N PRO D 25 25.59 25.11 11.32
CA PRO D 25 26.05 26.49 11.35
C PRO D 25 25.25 27.45 12.23
N GLU D 26 25.92 28.54 12.57
CA GLU D 26 25.34 29.71 13.26
C GLU D 26 24.09 30.12 12.47
N GLY D 27 23.00 30.44 13.17
CA GLY D 27 21.76 30.89 12.51
C GLY D 27 20.98 29.75 11.89
N SER D 28 21.38 28.51 12.21
CA SER D 28 20.66 27.28 11.83
C SER D 28 20.18 26.62 13.11
N TYR D 29 19.14 25.83 12.97
CA TYR D 29 18.73 24.91 14.06
C TYR D 29 17.76 23.94 13.38
N ALA D 30 17.80 22.72 13.83
CA ALA D 30 16.81 21.74 13.34
C ALA D 30 16.28 20.93 14.52
N GLN D 31 15.07 20.43 14.36
CA GLN D 31 14.48 19.71 15.49
C GLN D 31 13.32 18.96 14.91
N ILE D 32 12.85 17.93 15.59
CA ILE D 32 11.47 17.42 15.34
C ILE D 32 10.59 18.05 16.35
N VAL D 33 9.34 18.27 15.96
CA VAL D 33 8.36 18.88 16.87
C VAL D 33 7.17 17.97 16.85
N GLU D 34 6.71 17.59 18.03
CA GLU D 34 5.45 16.82 18.13
C GLU D 34 4.38 17.62 18.86
N VAL D 35 3.18 17.66 18.31
CA VAL D 35 2.07 18.45 18.95
C VAL D 35 1.14 17.43 19.60
N LYS D 36 1.20 17.32 20.93
CA LYS D 36 0.60 16.17 21.67
C LYS D 36 -0.86 15.98 21.24
N PRO D 37 -1.40 14.75 21.35
CA PRO D 37 -2.78 14.51 20.95
C PRO D 37 -3.70 15.56 21.56
N LYS D 38 -4.58 16.05 20.68
CA LYS D 38 -5.62 17.06 20.86
C LYS D 38 -5.18 18.25 21.72
N GLN D 39 -3.89 18.62 21.57
CA GLN D 39 -3.35 19.84 22.20
C GLN D 39 -3.19 20.85 21.07
N THR D 40 -3.37 22.14 21.34
CA THR D 40 -3.29 23.20 20.31
C THR D 40 -2.07 24.00 20.64
N VAL D 41 -1.27 24.32 19.64
CA VAL D 41 -0.21 25.32 19.77
C VAL D 41 -0.83 26.67 19.42
N LYS D 42 -0.68 27.65 20.32
CA LYS D 42 -1.44 28.94 20.40
C LYS D 42 -0.91 29.89 19.33
N LYS D 43 -1.48 31.09 19.27
CA LYS D 43 -1.09 32.14 18.30
C LYS D 43 0.34 32.52 18.66
N HIS D 44 1.18 32.63 17.64
CA HIS D 44 2.52 33.24 17.77
C HIS D 44 3.05 33.56 16.37
N TYR D 45 4.27 34.12 16.37
CA TYR D 45 5.02 34.50 15.14
C TYR D 45 6.46 34.78 15.54
N HIS D 46 7.38 34.73 14.57
CA HIS D 46 8.82 34.90 14.88
C HIS D 46 9.32 36.27 14.40
N GLU D 47 10.13 36.95 15.22
CA GLU D 47 10.63 38.29 14.86
C GLU D 47 11.51 38.24 13.60
N ARG D 48 12.37 37.23 13.47
CA ARG D 48 13.33 37.21 12.33
C ARG D 48 13.52 35.80 11.77
N GLN D 49 13.64 34.77 12.62
CA GLN D 49 13.89 33.43 12.06
C GLN D 49 12.72 32.95 11.22
N TYR D 50 13.03 32.23 10.16
CA TYR D 50 12.04 31.50 9.35
C TYR D 50 11.97 30.12 9.99
N GLU D 51 10.83 29.47 9.82
CA GLU D 51 10.62 28.05 10.17
C GLU D 51 10.19 27.35 8.88
N LEU D 52 11.00 26.45 8.32
CA LEU D 52 10.51 25.49 7.30
C LEU D 52 9.99 24.28 8.03
N PHE D 53 8.83 23.76 7.64
CA PHE D 53 8.27 22.49 8.12
C PHE D 53 8.24 21.45 7.02
N TYR D 54 8.41 20.18 7.42
CA TYR D 54 8.09 18.96 6.64
C TYR D 54 7.25 18.06 7.53
N ILE D 55 6.02 17.76 7.12
CA ILE D 55 5.07 17.06 7.99
C ILE D 55 5.32 15.55 7.96
N ILE D 56 5.44 14.92 9.14
CA ILE D 56 5.95 13.53 9.18
C ILE D 56 4.74 12.64 9.39
N SER D 57 3.91 12.96 10.39
CA SER D 57 2.76 12.10 10.72
C SER D 57 1.70 12.84 11.52
N GLY D 58 0.53 12.26 11.43
CA GLY D 58 -0.74 12.79 12.00
C GLY D 58 -1.28 13.87 11.12
N GLU D 59 -2.16 14.69 11.69
CA GLU D 59 -3.03 15.57 10.90
C GLU D 59 -3.42 16.71 11.81
N ALA D 60 -3.32 17.93 11.34
CA ALA D 60 -3.69 19.06 12.19
C ALA D 60 -4.14 20.23 11.34
N ARG D 61 -4.90 21.14 11.97
CA ARG D 61 -5.12 22.48 11.42
C ARG D 61 -3.87 23.27 11.77
N LEU D 62 -3.26 23.76 10.71
CA LEU D 62 -2.09 24.62 10.68
C LEU D 62 -2.58 25.89 10.02
N GLY D 63 -2.47 26.99 10.74
CA GLY D 63 -2.58 28.35 10.18
C GLY D 63 -1.24 29.00 9.97
N ILE D 64 -1.17 29.92 8.99
CA ILE D 64 0.00 30.80 8.70
C ILE D 64 -0.51 32.18 8.27
N GLY D 65 -0.22 33.21 9.07
CA GLY D 65 -0.84 34.50 8.78
C GLY D 65 -2.35 34.28 8.61
N ASP D 66 -2.88 34.58 7.43
CA ASP D 66 -4.35 34.48 7.21
C ASP D 66 -4.67 33.30 6.29
N THR D 67 -3.94 32.19 6.45
CA THR D 67 -4.24 30.97 5.65
C THR D 67 -4.20 29.75 6.57
N GLU D 68 -5.32 29.06 6.78
CA GLU D 68 -5.22 27.88 7.65
C GLU D 68 -5.43 26.65 6.79
N TYR D 69 -4.39 25.83 6.69
CA TYR D 69 -4.32 24.58 5.90
C TYR D 69 -4.80 23.46 6.82
N GLN D 70 -5.12 22.31 6.24
CA GLN D 70 -5.20 21.00 6.94
C GLN D 70 -3.91 20.25 6.61
N ALA D 71 -2.92 20.49 7.46
CA ALA D 71 -1.55 19.93 7.44
C ALA D 71 -1.67 18.40 7.56
N LYS D 72 -1.34 17.69 6.48
CA LYS D 72 -1.19 16.21 6.45
C LYS D 72 0.26 15.90 6.10
N PRO D 73 0.72 14.65 6.28
CA PRO D 73 2.09 14.27 5.93
C PRO D 73 2.49 14.75 4.51
N GLY D 74 3.79 15.00 4.27
CA GLY D 74 4.27 15.43 2.94
C GLY D 74 4.17 16.92 2.80
N ASP D 75 3.18 17.56 3.43
CA ASP D 75 3.06 19.02 3.30
C ASP D 75 4.36 19.64 3.78
N ILE D 76 4.85 20.62 3.01
CA ILE D 76 6.02 21.44 3.30
C ILE D 76 5.51 22.88 3.48
N PHE D 77 6.11 23.62 4.38
CA PHE D 77 5.64 25.00 4.66
C PHE D 77 6.84 25.88 5.01
N LEU D 78 6.81 27.12 4.57
CA LEU D 78 7.69 28.17 5.10
C LEU D 78 6.79 29.12 5.86
N VAL D 79 7.20 29.47 7.06
CA VAL D 79 6.57 30.51 7.89
C VAL D 79 7.57 31.66 7.99
N LYS D 80 7.47 32.66 7.12
CA LYS D 80 8.43 33.79 7.04
C LYS D 80 8.41 34.46 8.41
N PRO D 81 9.39 35.32 8.78
CA PRO D 81 9.35 35.88 10.12
C PRO D 81 8.15 36.83 10.01
N LYS D 82 7.66 37.35 11.14
CA LYS D 82 6.46 38.24 11.18
C LYS D 82 5.36 37.58 10.31
N THR D 83 5.11 36.28 10.53
CA THR D 83 3.88 35.60 10.02
C THR D 83 3.29 34.69 11.10
N VAL D 84 2.10 35.08 11.56
CA VAL D 84 1.42 34.50 12.76
C VAL D 84 0.97 33.09 12.39
N HIS D 85 1.53 32.11 13.11
CA HIS D 85 1.17 30.70 12.97
C HIS D 85 0.69 30.19 14.33
N TRP D 86 -0.16 29.15 14.20
CA TRP D 86 -0.67 28.30 15.30
C TRP D 86 -0.84 26.88 14.75
N VAL D 87 -0.96 25.91 15.65
CA VAL D 87 -1.33 24.52 15.27
C VAL D 87 -2.38 23.98 16.22
N VAL D 88 -3.55 23.64 15.71
CA VAL D 88 -4.60 22.90 16.44
C VAL D 88 -4.50 21.42 16.06
N ASN D 89 -4.29 20.56 17.06
CA ASN D 89 -4.28 19.10 16.86
C ASN D 89 -5.61 18.57 17.42
N GLU D 90 -6.33 17.74 16.65
CA GLU D 90 -7.69 17.26 17.04
C GLU D 90 -7.69 15.72 17.13
N LYS D 91 -6.55 15.14 16.82
CA LYS D 91 -6.39 13.68 16.71
C LYS D 91 -5.76 13.11 17.97
N ASP D 92 -5.90 11.80 18.09
CA ASP D 92 -5.43 10.95 19.20
C ASP D 92 -3.97 10.55 18.90
N GLU D 93 -3.53 10.74 17.65
CA GLU D 93 -2.12 10.56 17.21
C GLU D 93 -1.39 11.90 17.35
N PRO D 94 -0.06 11.86 17.67
CA PRO D 94 0.73 13.07 17.70
C PRO D 94 0.86 13.63 16.30
N PHE D 95 0.97 14.97 16.23
CA PHE D 95 1.25 15.69 14.99
C PHE D 95 2.74 15.95 15.00
N ARG D 96 3.44 15.35 14.07
CA ARG D 96 4.92 15.30 14.09
C ARG D 96 5.47 16.06 12.91
N LEU D 97 6.40 16.98 13.13
CA LEU D 97 7.01 17.64 11.96
C LEU D 97 8.52 17.84 12.09
N PHE D 98 9.20 17.82 10.94
CA PHE D 98 10.67 18.15 10.88
C PHE D 98 10.73 19.66 10.73
N VAL D 99 11.50 20.38 11.57
CA VAL D 99 11.51 21.84 11.48
C VAL D 99 12.95 22.30 11.26
N VAL D 100 13.20 23.15 10.27
CA VAL D 100 14.48 23.87 10.26
C VAL D 100 14.23 25.37 10.42
N LYS D 101 14.98 25.97 11.32
CA LYS D 101 14.96 27.37 11.71
C LYS D 101 16.13 28.08 11.06
N LEU D 102 15.87 29.18 10.34
CA LEU D 102 16.89 30.04 9.67
C LEU D 102 16.85 31.43 10.27
N ASN D 103 17.95 32.16 10.10
CA ASN D 103 18.24 33.46 10.76
C ASN D 103 18.08 33.27 12.28
N TYR D 104 18.14 32.02 12.75
CA TYR D 104 17.86 31.67 14.17
C TYR D 104 19.05 32.04 15.08
N HIS D 105 18.81 33.03 15.99
CA HIS D 105 19.74 33.39 17.11
C HIS D 105 19.03 33.18 18.46
N GLY D 106 18.22 32.11 18.55
CA GLY D 106 17.56 31.79 19.83
C GLY D 106 16.05 31.88 19.67
N ASP D 107 15.36 32.37 20.70
CA ASP D 107 13.88 32.38 20.61
C ASP D 107 13.43 33.83 20.38
N ASP D 108 12.67 34.04 19.31
CA ASP D 108 12.13 35.40 19.03
C ASP D 108 10.61 35.24 19.01
N SER D 109 10.15 33.99 19.12
CA SER D 109 8.67 33.75 19.06
C SER D 109 8.03 34.27 20.34
N VAL D 110 7.33 35.42 20.22
CA VAL D 110 6.43 36.00 21.26
C VAL D 110 5.04 35.39 21.05
N TRP D 111 4.56 34.64 22.04
CA TRP D 111 3.21 34.01 21.94
C TRP D 111 2.15 35.11 21.74
N LEU D 112 1.14 34.83 20.91
CA LEU D 112 0.04 35.80 20.68
C LEU D 112 -1.26 35.24 21.30
N ASN E 1 -8.39 -24.78 13.22
CA ASN E 1 -8.71 -24.54 14.67
C ASN E 1 -8.21 -23.16 15.08
N LEU E 2 -8.95 -22.47 15.96
CA LEU E 2 -8.59 -21.18 16.59
C LEU E 2 -8.93 -21.24 18.08
N ILE E 3 -7.97 -21.71 18.90
CA ILE E 3 -7.99 -21.65 20.39
C ILE E 3 -7.95 -20.17 20.80
N ASP E 4 -9.01 -19.68 21.45
CA ASP E 4 -9.15 -18.24 21.76
C ASP E 4 -8.74 -18.02 23.21
N ARG E 5 -8.36 -16.79 23.56
CA ARG E 5 -7.77 -16.40 24.87
C ARG E 5 -8.07 -14.93 25.15
N GLY E 6 -9.31 -14.50 24.90
CA GLY E 6 -9.90 -13.21 25.28
C GLY E 6 -9.12 -12.02 24.74
N THR E 7 -7.89 -11.87 25.23
CA THR E 7 -6.92 -10.82 24.83
C THR E 7 -6.17 -11.16 23.54
N TYR E 8 -6.01 -12.45 23.23
CA TYR E 8 -5.22 -12.86 22.04
C TYR E 8 -5.87 -14.09 21.41
N ARG E 9 -5.64 -14.29 20.10
CA ARG E 9 -6.05 -15.54 19.39
C ARG E 9 -4.81 -16.43 19.29
N LYS E 10 -5.04 -17.73 19.12
CA LYS E 10 -4.00 -18.74 19.02
C LYS E 10 -4.46 -19.75 17.96
N LEU E 11 -3.52 -20.15 17.10
CA LEU E 11 -3.88 -20.84 15.83
C LEU E 11 -2.85 -21.90 15.53
N PRO E 12 -2.77 -22.99 16.31
CA PRO E 12 -1.73 -24.02 16.09
C PRO E 12 -1.54 -24.41 14.63
N LEU E 13 -0.34 -24.91 14.29
CA LEU E 13 -0.07 -25.58 13.00
C LEU E 13 0.73 -26.85 13.28
N PHE E 14 0.73 -27.77 12.30
CA PHE E 14 1.51 -29.05 12.24
C PHE E 14 1.26 -29.94 13.48
N GLU E 15 0.04 -29.86 14.03
CA GLU E 15 -0.38 -30.63 15.23
C GLU E 15 -0.14 -32.12 15.00
N GLY E 16 0.45 -32.78 16.00
CA GLY E 16 0.90 -34.18 15.92
C GLY E 16 2.16 -34.27 15.07
N GLU E 17 2.35 -33.29 14.16
CA GLU E 17 3.44 -33.32 13.15
C GLU E 17 4.72 -32.84 13.83
N LEU E 18 4.62 -31.94 14.83
CA LEU E 18 5.86 -31.42 15.48
C LEU E 18 6.35 -32.41 16.52
N PRO E 19 7.67 -32.76 16.47
CA PRO E 19 8.25 -33.77 17.35
C PRO E 19 7.93 -33.54 18.83
N GLU E 20 8.40 -34.42 19.71
CA GLU E 20 8.18 -34.24 21.16
C GLU E 20 8.88 -32.95 21.62
N GLY E 21 8.20 -32.12 22.41
CA GLY E 21 8.82 -30.89 22.94
C GLY E 21 8.74 -29.74 21.97
N SER E 22 8.25 -29.99 20.75
CA SER E 22 8.08 -28.91 19.76
C SER E 22 6.62 -28.49 19.67
N TYR E 23 6.42 -27.30 19.14
CA TYR E 23 5.08 -26.71 18.98
C TYR E 23 5.28 -25.42 18.21
N ALA E 24 4.31 -25.06 17.39
CA ALA E 24 4.38 -23.90 16.50
C ALA E 24 2.99 -23.36 16.39
N GLN E 25 2.85 -22.08 16.06
CA GLN E 25 1.49 -21.52 15.98
C GLN E 25 1.63 -20.07 15.63
N ILE E 26 0.58 -19.49 15.10
CA ILE E 26 0.42 -18.03 14.99
C ILE E 26 -0.41 -17.65 16.21
N VAL E 27 -0.15 -16.44 16.69
CA VAL E 27 -1.02 -15.79 17.67
C VAL E 27 -1.27 -14.39 17.11
N GLU E 28 -2.41 -13.83 17.50
CA GLU E 28 -2.89 -12.51 17.09
C GLU E 28 -3.23 -11.75 18.37
N VAL E 29 -2.48 -10.72 18.68
CA VAL E 29 -2.89 -9.84 19.81
C VAL E 29 -4.06 -9.01 19.26
N LYS E 30 -5.28 -9.29 19.72
CA LYS E 30 -6.48 -8.57 19.25
C LYS E 30 -6.14 -7.09 19.29
N PRO E 31 -6.65 -6.28 18.33
CA PRO E 31 -6.27 -4.87 18.24
C PRO E 31 -6.53 -4.08 19.53
N LYS E 32 -5.66 -3.10 19.82
CA LYS E 32 -5.81 -2.12 20.96
C LYS E 32 -6.10 -2.89 22.25
N GLN E 33 -5.42 -4.02 22.44
CA GLN E 33 -5.49 -4.83 23.68
C GLN E 33 -4.05 -5.09 24.12
N THR E 34 -3.90 -5.57 25.35
CA THR E 34 -2.61 -5.88 25.99
C THR E 34 -2.62 -7.35 26.40
N VAL E 35 -1.47 -7.98 26.27
CA VAL E 35 -1.23 -9.32 26.85
C VAL E 35 -0.46 -9.11 28.14
N LYS E 36 -0.86 -9.85 29.18
CA LYS E 36 -0.52 -9.64 30.61
C LYS E 36 0.91 -10.11 30.86
N LYS E 37 1.54 -9.64 31.95
CA LYS E 37 2.92 -10.01 32.35
C LYS E 37 2.93 -11.47 32.78
N HIS E 38 3.81 -12.29 32.19
CA HIS E 38 3.83 -13.73 32.48
C HIS E 38 5.23 -14.26 32.21
N TYR E 39 5.44 -15.54 32.46
CA TYR E 39 6.66 -16.25 31.99
C TYR E 39 6.27 -17.71 31.82
N HIS E 40 7.24 -18.52 31.41
CA HIS E 40 7.02 -19.98 31.24
C HIS E 40 8.07 -20.69 32.10
N GLU E 41 7.67 -21.74 32.81
CA GLU E 41 8.61 -22.42 33.73
C GLU E 41 9.79 -23.04 32.98
N ARG E 42 9.55 -23.65 31.82
CA ARG E 42 10.68 -24.37 31.15
C ARG E 42 10.70 -24.14 29.64
N GLN E 43 9.60 -23.66 29.05
CA GLN E 43 9.60 -23.55 27.58
C GLN E 43 10.30 -22.26 27.15
N TYR E 44 10.83 -22.27 25.92
CA TYR E 44 11.34 -21.09 25.19
C TYR E 44 10.38 -20.74 24.07
N GLU E 45 10.18 -19.43 23.85
CA GLU E 45 9.30 -18.94 22.76
C GLU E 45 10.16 -18.20 21.70
N LEU E 46 10.11 -18.59 20.40
CA LEU E 46 10.74 -17.81 19.27
C LEU E 46 9.66 -17.02 18.56
N PHE E 47 9.74 -15.69 18.51
CA PHE E 47 8.73 -14.90 17.75
C PHE E 47 9.34 -14.46 16.43
N TYR E 48 8.50 -14.44 15.41
CA TYR E 48 8.76 -13.74 14.16
C TYR E 48 7.54 -12.83 13.97
N ILE E 49 7.72 -11.50 14.10
CA ILE E 49 6.63 -10.47 14.00
C ILE E 49 6.15 -10.41 12.57
N ILE E 50 4.87 -10.72 12.35
CA ILE E 50 4.34 -11.00 10.98
C ILE E 50 3.75 -9.74 10.40
N SER E 51 2.90 -9.06 11.17
CA SER E 51 2.27 -7.80 10.74
C SER E 51 1.85 -6.99 11.97
N GLY E 52 1.61 -5.70 11.78
CA GLY E 52 1.25 -4.79 12.89
C GLY E 52 2.42 -4.33 13.72
N GLU E 53 2.13 -3.77 14.88
CA GLU E 53 3.05 -2.93 15.68
C GLU E 53 2.64 -3.08 17.16
N ALA E 54 3.59 -3.27 18.07
CA ALA E 54 3.24 -3.44 19.50
C ALA E 54 4.38 -3.02 20.39
N ARG E 55 4.06 -2.69 21.64
CA ARG E 55 5.10 -2.61 22.69
C ARG E 55 5.28 -4.01 23.27
N LEU E 56 6.50 -4.57 23.16
CA LEU E 56 6.84 -5.99 23.48
C LEU E 56 8.02 -6.01 24.44
N GLY E 57 7.75 -6.28 25.74
CA GLY E 57 8.80 -6.44 26.76
C GLY E 57 9.33 -7.86 26.84
N ILE E 58 10.64 -8.04 26.93
CA ILE E 58 11.26 -9.32 27.39
C ILE E 58 12.27 -8.98 28.48
N GLY E 59 12.22 -9.67 29.64
CA GLY E 59 13.09 -9.36 30.79
C GLY E 59 13.15 -7.86 31.08
N ASP E 60 14.33 -7.24 30.95
CA ASP E 60 14.51 -5.81 31.37
C ASP E 60 14.47 -4.88 30.17
N THR E 61 14.02 -5.35 29.00
CA THR E 61 13.97 -4.54 27.76
C THR E 61 12.53 -4.52 27.25
N GLU E 62 12.04 -3.34 26.88
CA GLU E 62 10.79 -3.15 26.11
C GLU E 62 11.22 -2.77 24.69
N TYR E 63 10.81 -3.55 23.68
CA TYR E 63 11.06 -3.30 22.24
C TYR E 63 9.85 -2.68 21.56
N GLN E 64 10.11 -1.93 20.51
CA GLN E 64 9.03 -1.52 19.57
C GLN E 64 9.03 -2.52 18.42
N ALA E 65 8.18 -3.56 18.50
CA ALA E 65 8.21 -4.74 17.61
C ALA E 65 7.54 -4.36 16.30
N LYS E 66 8.28 -4.50 15.19
CA LYS E 66 7.84 -4.26 13.80
C LYS E 66 7.90 -5.59 13.05
N PRO E 67 7.18 -5.77 11.93
CA PRO E 67 7.32 -6.98 11.10
C PRO E 67 8.76 -7.27 10.64
N GLY E 68 9.17 -8.54 10.78
CA GLY E 68 10.55 -8.99 10.54
C GLY E 68 11.43 -8.97 11.74
N ASP E 69 10.95 -8.49 12.88
CA ASP E 69 11.67 -8.66 14.12
C ASP E 69 11.53 -10.10 14.57
N ILE E 70 12.66 -10.65 14.96
CA ILE E 70 12.66 -12.04 15.48
C ILE E 70 13.09 -12.00 16.94
N PHE E 71 12.43 -12.75 17.80
CA PHE E 71 12.68 -12.64 19.26
C PHE E 71 12.82 -14.02 19.91
N LEU E 72 13.57 -14.07 21.02
CA LEU E 72 13.64 -15.27 21.88
C LEU E 72 13.18 -14.84 23.27
N VAL E 73 12.41 -15.70 23.93
CA VAL E 73 11.90 -15.53 25.32
C VAL E 73 12.40 -16.72 26.11
N LYS E 74 13.51 -16.60 26.85
CA LYS E 74 13.98 -17.82 27.55
C LYS E 74 12.98 -18.06 28.67
N PRO E 75 12.96 -19.24 29.31
CA PRO E 75 12.01 -19.47 30.41
C PRO E 75 12.39 -18.64 31.65
N LYS E 76 11.44 -18.52 32.59
CA LYS E 76 11.58 -17.72 33.83
C LYS E 76 11.81 -16.26 33.48
N THR E 77 11.27 -15.84 32.32
CA THR E 77 11.49 -14.49 31.78
C THR E 77 10.14 -13.84 31.48
N VAL E 78 9.96 -12.67 32.08
CA VAL E 78 8.63 -12.01 32.11
C VAL E 78 8.46 -11.32 30.77
N HIS E 79 7.36 -11.61 30.14
CA HIS E 79 7.06 -10.96 28.85
C HIS E 79 5.63 -10.46 28.81
N TRP E 80 5.45 -9.46 27.98
CA TRP E 80 4.19 -8.72 27.84
C TRP E 80 4.20 -8.07 26.47
N VAL E 81 3.02 -7.81 25.96
CA VAL E 81 2.87 -6.97 24.75
C VAL E 81 1.70 -6.07 25.01
N VAL E 82 1.78 -4.85 24.49
CA VAL E 82 0.66 -3.89 24.35
C VAL E 82 0.52 -3.50 22.88
N ASN E 83 -0.62 -3.82 22.26
CA ASN E 83 -0.95 -3.33 20.90
C ASN E 83 -1.84 -2.10 21.09
N GLU E 84 -1.33 -0.92 20.71
CA GLU E 84 -2.06 0.37 20.88
C GLU E 84 -2.96 0.61 19.66
N LYS E 85 -2.70 -0.10 18.56
CA LYS E 85 -3.41 0.22 17.29
C LYS E 85 -4.64 -0.66 17.07
N ASP E 86 -5.58 -0.16 16.27
CA ASP E 86 -6.74 -1.02 15.96
C ASP E 86 -6.35 -1.90 14.77
N GLU E 87 -5.31 -2.71 14.95
CA GLU E 87 -4.92 -3.70 13.92
C GLU E 87 -4.42 -4.91 14.69
N PRO E 88 -4.60 -6.17 14.24
CA PRO E 88 -4.04 -7.28 15.00
C PRO E 88 -2.50 -7.23 14.95
N PHE E 89 -1.84 -7.52 16.09
CA PHE E 89 -0.36 -7.64 16.08
C PHE E 89 -0.14 -9.13 15.83
N ARG E 90 0.37 -9.51 14.66
CA ARG E 90 0.36 -10.96 14.38
C ARG E 90 1.80 -11.49 14.44
N LEU E 91 2.01 -12.72 14.92
CA LEU E 91 3.39 -13.23 14.90
C LEU E 91 3.38 -14.74 14.76
N PHE E 92 4.34 -15.29 14.04
CA PHE E 92 4.60 -16.75 13.97
C PHE E 92 5.31 -17.02 15.30
N VAL E 93 4.86 -18.01 16.10
CA VAL E 93 5.55 -18.31 17.37
C VAL E 93 5.99 -19.76 17.38
N VAL E 94 7.23 -20.01 17.79
CA VAL E 94 7.68 -21.41 17.99
C VAL E 94 7.97 -21.57 19.48
N LYS E 95 7.60 -22.73 20.01
CA LYS E 95 7.84 -22.97 21.43
C LYS E 95 8.71 -24.20 21.51
N LEU E 96 9.85 -24.09 22.17
CA LEU E 96 10.78 -25.22 22.33
C LEU E 96 10.71 -25.72 23.77
N ASN E 97 11.34 -26.86 24.03
CA ASN E 97 11.20 -27.61 25.31
C ASN E 97 9.78 -27.40 25.81
N TYR E 98 8.80 -27.67 24.95
CA TYR E 98 7.36 -27.52 25.24
C TYR E 98 6.93 -28.67 26.14
N HIS E 99 6.85 -28.41 27.45
CA HIS E 99 6.22 -29.32 28.45
C HIS E 99 4.80 -28.82 28.73
N GLY E 100 4.10 -28.42 27.62
CA GLY E 100 2.65 -28.08 27.68
C GLY E 100 2.49 -26.62 28.04
N ASP E 101 1.33 -26.22 28.58
CA ASP E 101 1.23 -24.86 29.20
C ASP E 101 2.03 -24.87 30.50
N ASP E 102 2.96 -23.91 30.60
CA ASP E 102 3.74 -23.62 31.82
C ASP E 102 3.69 -22.11 32.09
N SER E 103 2.68 -21.41 31.53
CA SER E 103 2.42 -19.96 31.78
C SER E 103 2.00 -19.76 33.23
N VAL E 104 2.90 -19.20 34.04
CA VAL E 104 2.73 -18.52 35.35
C VAL E 104 2.56 -17.02 35.10
N TRP E 105 1.43 -16.44 35.51
CA TRP E 105 1.07 -15.06 35.16
C TRP E 105 1.36 -14.12 36.33
N LEU E 106 2.05 -13.01 36.05
CA LEU E 106 2.33 -11.97 37.08
C LEU E 106 1.03 -11.21 37.38
N MET F 1 -27.96 -11.91 -7.06
CA MET F 1 -28.06 -10.75 -7.95
C MET F 1 -27.23 -9.63 -7.31
N LYS F 2 -26.41 -8.92 -8.09
CA LYS F 2 -25.61 -7.79 -7.56
C LYS F 2 -26.54 -6.62 -7.20
N ALA F 3 -26.03 -5.73 -6.35
CA ALA F 3 -26.75 -4.51 -5.89
C ALA F 3 -26.23 -3.28 -6.62
N GLU F 4 -27.14 -2.49 -7.21
CA GLU F 4 -26.88 -1.09 -7.65
C GLU F 4 -27.50 -0.06 -6.70
N ILE F 5 -27.02 1.20 -6.75
CA ILE F 5 -27.56 2.34 -5.95
C ILE F 5 -28.50 3.17 -6.82
N LYS F 6 -29.78 2.78 -6.85
CA LYS F 6 -30.78 3.38 -7.75
C LYS F 6 -31.64 4.36 -6.95
N ASN F 7 -31.80 4.11 -5.65
CA ASN F 7 -32.84 4.71 -4.78
C ASN F 7 -32.15 5.44 -3.62
N LEU F 8 -31.84 6.74 -3.77
CA LEU F 8 -31.39 7.60 -2.66
C LEU F 8 -32.65 8.04 -1.91
N ILE F 9 -32.61 7.94 -0.58
CA ILE F 9 -33.70 8.41 0.36
C ILE F 9 -33.02 9.31 1.39
N ASP F 10 -33.43 10.56 1.55
CA ASP F 10 -32.65 11.57 2.35
C ASP F 10 -33.39 11.84 3.66
N ARG F 11 -32.67 11.80 4.77
CA ARG F 11 -33.12 12.24 6.11
C ARG F 11 -32.07 13.26 6.56
N GLY F 12 -31.38 13.87 5.56
CA GLY F 12 -30.83 15.25 5.72
C GLY F 12 -29.74 15.28 6.77
N THR F 13 -29.87 14.43 7.81
CA THR F 13 -28.77 14.03 8.75
C THR F 13 -28.07 12.82 8.10
N TYR F 14 -28.82 11.92 7.46
CA TYR F 14 -28.21 10.72 6.86
C TYR F 14 -28.98 10.35 5.58
N ARG F 15 -28.24 9.79 4.61
CA ARG F 15 -28.85 9.27 3.36
C ARG F 15 -29.06 7.78 3.52
N LYS F 16 -30.13 7.29 2.90
CA LYS F 16 -30.43 5.85 2.95
C LYS F 16 -30.65 5.35 1.53
N LEU F 17 -30.08 4.17 1.17
CA LEU F 17 -30.08 3.67 -0.25
C LEU F 17 -30.51 2.21 -0.32
N PRO F 18 -31.82 1.90 -0.42
CA PRO F 18 -32.21 0.53 -0.30
C PRO F 18 -31.56 -0.35 -1.38
N LEU F 19 -31.52 -1.62 -1.04
CA LEU F 19 -30.71 -2.62 -1.77
C LEU F 19 -31.54 -3.87 -1.76
N PHE F 20 -31.81 -4.43 -2.95
CA PHE F 20 -32.64 -5.65 -3.16
C PHE F 20 -34.08 -5.43 -2.68
N GLU F 21 -34.66 -4.27 -2.96
CA GLU F 21 -36.09 -4.01 -2.65
C GLU F 21 -36.95 -5.05 -3.37
N GLY F 22 -37.90 -5.65 -2.64
CA GLY F 22 -38.86 -6.62 -3.18
C GLY F 22 -38.29 -8.04 -3.26
N GLU F 23 -36.96 -8.18 -3.36
CA GLU F 23 -36.29 -9.50 -3.50
C GLU F 23 -36.14 -10.16 -2.14
N LEU F 24 -36.06 -9.39 -1.04
CA LEU F 24 -35.73 -9.95 0.29
C LEU F 24 -36.97 -10.60 0.89
N PRO F 25 -36.74 -11.61 1.76
CA PRO F 25 -37.84 -12.16 2.52
C PRO F 25 -38.46 -11.16 3.50
N GLU F 26 -39.70 -11.47 3.93
CA GLU F 26 -40.46 -10.71 4.96
C GLU F 26 -39.57 -10.57 6.20
N GLY F 27 -39.68 -9.44 6.91
CA GLY F 27 -38.87 -9.13 8.11
C GLY F 27 -37.41 -8.88 7.79
N SER F 28 -37.04 -8.72 6.51
CA SER F 28 -35.67 -8.42 6.05
C SER F 28 -35.66 -7.12 5.27
N TYR F 29 -34.72 -6.24 5.60
CA TYR F 29 -34.36 -5.12 4.70
C TYR F 29 -32.85 -4.99 4.66
N ALA F 30 -32.31 -4.49 3.54
CA ALA F 30 -30.90 -4.10 3.45
C ALA F 30 -30.79 -2.72 2.85
N GLN F 31 -29.66 -2.09 3.12
CA GLN F 31 -29.54 -0.70 2.66
C GLN F 31 -28.12 -0.34 2.96
N ILE F 32 -27.66 0.62 2.19
CA ILE F 32 -26.50 1.41 2.60
C ILE F 32 -27.03 2.61 3.31
N VAL F 33 -26.22 3.11 4.24
CA VAL F 33 -26.60 4.31 4.97
C VAL F 33 -25.36 5.15 4.93
N GLU F 34 -25.56 6.44 4.77
CA GLU F 34 -24.46 7.41 4.81
C GLU F 34 -24.83 8.49 5.77
N VAL F 35 -23.93 8.76 6.73
CA VAL F 35 -24.09 9.86 7.67
C VAL F 35 -23.30 11.02 7.07
N LYS F 36 -24.01 12.07 6.64
CA LYS F 36 -23.38 13.15 5.84
C LYS F 36 -22.23 13.70 6.67
N PRO F 37 -21.24 14.32 5.99
CA PRO F 37 -20.10 14.86 6.68
C PRO F 37 -20.50 15.72 7.88
N LYS F 38 -19.71 15.55 8.94
CA LYS F 38 -19.80 16.37 10.15
C LYS F 38 -21.24 16.45 10.65
N GLN F 39 -22.11 15.50 10.35
CA GLN F 39 -23.49 15.52 10.93
C GLN F 39 -23.61 14.44 12.01
N THR F 40 -24.71 14.49 12.76
CA THR F 40 -24.93 13.53 13.85
C THR F 40 -26.31 12.96 13.71
N VAL F 41 -26.37 11.64 13.81
CA VAL F 41 -27.65 10.92 13.97
C VAL F 41 -27.94 10.86 15.46
N LYS F 42 -29.04 11.51 15.87
CA LYS F 42 -29.43 11.75 17.29
C LYS F 42 -29.63 10.39 17.96
N LYS F 43 -29.92 10.39 19.27
CA LYS F 43 -30.07 9.11 20.03
C LYS F 43 -31.43 8.52 19.64
N HIS F 44 -31.43 7.23 19.29
CA HIS F 44 -32.68 6.54 18.86
C HIS F 44 -32.53 5.03 19.10
N TYR F 45 -33.65 4.31 19.12
CA TYR F 45 -33.60 2.85 19.40
C TYR F 45 -34.61 2.11 18.51
N HIS F 46 -34.51 0.78 18.45
CA HIS F 46 -35.42 -0.01 17.58
C HIS F 46 -36.31 -0.92 18.43
N GLU F 47 -37.62 -0.89 18.19
CA GLU F 47 -38.57 -1.67 19.04
C GLU F 47 -38.38 -3.18 18.85
N ARG F 48 -38.59 -3.70 17.62
CA ARG F 48 -38.53 -5.17 17.41
C ARG F 48 -37.33 -5.55 16.54
N GLN F 49 -36.94 -4.73 15.54
CA GLN F 49 -35.91 -5.16 14.56
C GLN F 49 -34.52 -5.08 15.18
N TYR F 50 -33.64 -5.98 14.75
CA TYR F 50 -32.19 -5.91 14.95
C TYR F 50 -31.64 -5.16 13.75
N GLU F 51 -30.52 -4.48 13.97
CA GLU F 51 -29.69 -3.87 12.90
C GLU F 51 -28.28 -4.46 12.93
N LEU F 52 -27.86 -5.11 11.83
CA LEU F 52 -26.45 -5.57 11.64
C LEU F 52 -25.73 -4.59 10.75
N PHE F 53 -24.70 -3.92 11.29
CA PHE F 53 -23.93 -2.91 10.55
C PHE F 53 -22.59 -3.44 10.10
N TYR F 54 -22.28 -3.13 8.85
CA TYR F 54 -20.89 -3.23 8.35
C TYR F 54 -20.43 -1.83 8.00
N ILE F 55 -19.36 -1.38 8.63
CA ILE F 55 -18.84 -0.05 8.25
C ILE F 55 -18.02 -0.19 6.96
N ILE F 56 -18.44 0.55 5.93
CA ILE F 56 -17.86 0.55 4.55
C ILE F 56 -16.79 1.63 4.49
N SER F 57 -17.08 2.89 4.87
CA SER F 57 -16.03 3.94 4.69
C SER F 57 -16.18 5.12 5.60
N GLY F 58 -15.10 5.91 5.66
CA GLY F 58 -15.00 7.02 6.62
C GLY F 58 -15.15 6.44 8.00
N GLU F 59 -15.32 7.27 9.02
CA GLU F 59 -15.36 6.77 10.40
C GLU F 59 -16.04 7.84 11.24
N ALA F 60 -16.76 7.41 12.28
CA ALA F 60 -17.53 8.35 13.12
C ALA F 60 -17.71 7.71 14.49
N ARG F 61 -17.92 8.53 15.51
CA ARG F 61 -18.23 7.92 16.83
C ARG F 61 -19.54 7.18 16.66
N LEU F 62 -19.64 5.97 17.21
CA LEU F 62 -20.85 5.16 17.03
C LEU F 62 -21.23 4.58 18.39
N GLY F 63 -22.30 5.09 18.99
CA GLY F 63 -22.67 4.61 20.33
C GLY F 63 -23.78 3.59 20.25
N ILE F 64 -23.70 2.56 21.11
CA ILE F 64 -24.73 1.49 21.28
C ILE F 64 -24.98 1.32 22.78
N GLY F 65 -26.18 1.66 23.23
CA GLY F 65 -26.51 1.72 24.67
C GLY F 65 -25.45 2.50 25.44
N ASP F 66 -24.62 1.79 26.22
CA ASP F 66 -23.72 2.43 27.22
C ASP F 66 -22.26 2.41 26.74
N THR F 67 -22.03 2.20 25.45
CA THR F 67 -20.66 2.15 24.87
C THR F 67 -20.66 2.99 23.60
N GLU F 68 -19.50 3.55 23.29
CA GLU F 68 -19.34 4.43 22.12
C GLU F 68 -18.02 4.01 21.51
N TYR F 69 -18.08 3.36 20.37
CA TYR F 69 -16.89 2.90 19.62
C TYR F 69 -16.51 4.06 18.73
N GLN F 70 -15.33 3.95 18.14
CA GLN F 70 -14.88 4.64 16.92
C GLN F 70 -15.06 3.67 15.75
N ALA F 71 -16.24 3.65 15.15
CA ALA F 71 -16.53 2.78 13.99
C ALA F 71 -15.56 3.17 12.87
N LYS F 72 -14.80 2.18 12.35
CA LYS F 72 -13.73 2.32 11.31
C LYS F 72 -14.01 1.28 10.23
N PRO F 73 -13.79 1.60 8.95
CA PRO F 73 -14.14 0.65 7.90
C PRO F 73 -13.60 -0.77 8.22
N GLY F 74 -14.44 -1.82 8.08
CA GLY F 74 -14.17 -3.20 8.58
C GLY F 74 -14.90 -3.55 9.87
N ASP F 75 -15.27 -2.55 10.67
CA ASP F 75 -16.01 -2.82 11.93
C ASP F 75 -17.35 -3.43 11.59
N ILE F 76 -17.78 -4.40 12.39
CA ILE F 76 -19.10 -5.08 12.24
C ILE F 76 -19.84 -4.91 13.56
N PHE F 77 -21.11 -4.54 13.52
CA PHE F 77 -21.82 -4.28 14.79
C PHE F 77 -23.18 -4.94 14.75
N LEU F 78 -23.69 -5.34 15.92
CA LEU F 78 -25.11 -5.73 16.03
C LEU F 78 -25.70 -4.84 17.09
N VAL F 79 -26.78 -4.19 16.72
CA VAL F 79 -27.58 -3.38 17.66
C VAL F 79 -28.87 -4.13 18.01
N LYS F 80 -28.88 -4.93 19.08
CA LYS F 80 -30.08 -5.73 19.46
C LYS F 80 -31.24 -4.75 19.63
N PRO F 81 -32.50 -5.21 19.63
CA PRO F 81 -33.63 -4.28 19.60
C PRO F 81 -33.74 -3.65 21.00
N LYS F 82 -34.42 -2.51 21.12
CA LYS F 82 -34.59 -1.77 22.40
C LYS F 82 -33.20 -1.31 22.90
N THR F 83 -32.30 -1.00 21.97
CA THR F 83 -30.95 -0.50 22.31
C THR F 83 -30.66 0.84 21.64
N VAL F 84 -30.14 1.76 22.43
CA VAL F 84 -29.98 3.19 22.06
C VAL F 84 -28.71 3.28 21.27
N HIS F 85 -28.74 4.08 20.21
CA HIS F 85 -27.59 4.18 19.28
C HIS F 85 -27.66 5.51 18.56
N TRP F 86 -26.49 5.92 18.09
CA TRP F 86 -26.29 7.29 17.58
C TRP F 86 -24.94 7.31 16.89
N VAL F 87 -24.79 8.26 16.00
CA VAL F 87 -23.55 8.35 15.21
C VAL F 87 -23.23 9.81 15.15
N VAL F 88 -21.97 10.09 15.38
CA VAL F 88 -21.38 11.45 15.25
C VAL F 88 -20.27 11.41 14.20
N ASN F 89 -20.57 11.95 13.02
CA ASN F 89 -19.55 12.11 11.97
C ASN F 89 -18.80 13.39 12.25
N GLU F 90 -17.53 13.34 12.60
CA GLU F 90 -16.78 14.59 12.91
C GLU F 90 -16.02 14.98 11.65
N LYS F 91 -15.92 14.04 10.69
CA LYS F 91 -14.99 14.20 9.53
C LYS F 91 -15.75 14.85 8.38
N ASP F 92 -14.99 15.24 7.34
CA ASP F 92 -15.46 15.85 6.08
C ASP F 92 -15.76 14.72 5.08
N GLU F 93 -15.91 13.49 5.58
CA GLU F 93 -16.15 12.25 4.79
C GLU F 93 -17.52 11.70 5.18
N PRO F 94 -18.36 11.31 4.20
CA PRO F 94 -19.57 10.57 4.56
C PRO F 94 -19.12 9.33 5.35
N PHE F 95 -19.91 9.00 6.35
CA PHE F 95 -19.70 7.74 7.06
C PHE F 95 -20.65 6.74 6.47
N ARG F 96 -20.10 5.73 5.78
CA ARG F 96 -20.89 4.78 4.95
C ARG F 96 -20.97 3.42 5.64
N LEU F 97 -22.19 2.87 5.86
CA LEU F 97 -22.32 1.52 6.44
C LEU F 97 -23.34 0.68 5.70
N PHE F 98 -23.04 -0.60 5.56
CA PHE F 98 -23.93 -1.63 4.94
C PHE F 98 -24.75 -2.09 6.11
N VAL F 99 -26.07 -1.92 6.05
CA VAL F 99 -26.96 -2.31 7.14
C VAL F 99 -27.81 -3.50 6.63
N VAL F 100 -28.10 -4.45 7.51
CA VAL F 100 -29.24 -5.39 7.30
C VAL F 100 -30.17 -5.27 8.49
N LYS F 101 -31.45 -5.35 8.21
CA LYS F 101 -32.48 -5.27 9.25
C LYS F 101 -33.18 -6.63 9.30
N LEU F 102 -33.22 -7.22 10.50
CA LEU F 102 -33.95 -8.48 10.79
C LEU F 102 -35.19 -8.12 11.62
N ASN F 103 -36.15 -9.03 11.76
CA ASN F 103 -37.50 -8.76 12.33
C ASN F 103 -37.88 -7.32 11.95
N TYR F 104 -37.48 -6.89 10.75
CA TYR F 104 -37.68 -5.47 10.35
C TYR F 104 -39.15 -5.17 10.06
N HIS F 105 -39.70 -4.15 10.71
CA HIS F 105 -41.09 -3.73 10.41
C HIS F 105 -41.05 -2.27 9.94
N GLY F 106 -41.71 -1.96 8.81
CA GLY F 106 -41.72 -0.58 8.26
C GLY F 106 -40.86 0.37 9.08
N ASP F 107 -41.41 0.90 10.17
CA ASP F 107 -40.66 1.85 11.04
C ASP F 107 -40.87 1.51 12.52
N GLY G 1 0.74 25.71 -14.99
CA GLY G 1 -0.23 26.39 -14.12
C GLY G 1 -1.51 25.60 -14.01
N THR G 2 -2.03 25.46 -12.78
CA THR G 2 -3.29 24.76 -12.38
C THR G 2 -3.09 23.26 -12.30
N TYR G 3 -2.43 22.69 -13.31
CA TYR G 3 -2.14 21.24 -13.42
C TYR G 3 -0.75 21.15 -14.05
N ARG G 4 0.07 20.14 -13.75
CA ARG G 4 1.44 20.07 -14.36
C ARG G 4 1.31 19.45 -15.76
N LYS G 5 2.40 19.44 -16.50
CA LYS G 5 2.41 19.09 -17.92
C LYS G 5 3.82 18.65 -18.28
N LEU G 6 3.99 17.33 -18.37
CA LEU G 6 5.29 16.64 -18.36
C LEU G 6 5.43 15.95 -19.73
N PRO G 7 5.91 16.65 -20.78
CA PRO G 7 6.10 16.05 -22.10
C PRO G 7 7.13 14.93 -22.16
N LEU G 8 6.86 13.86 -22.93
CA LEU G 8 7.83 12.77 -23.19
C LEU G 8 8.22 12.84 -24.66
N PHE G 9 9.35 12.24 -25.06
CA PHE G 9 9.62 11.86 -26.46
C PHE G 9 9.38 13.10 -27.35
N GLU G 10 9.92 14.21 -26.85
CA GLU G 10 9.93 15.55 -27.48
C GLU G 10 10.78 15.55 -28.75
N GLY G 11 10.20 15.93 -29.90
CA GLY G 11 10.87 15.95 -31.21
C GLY G 11 10.98 14.57 -31.85
N GLU G 12 10.67 13.54 -31.06
CA GLU G 12 10.74 12.10 -31.44
C GLU G 12 9.40 11.66 -32.05
N LEU G 13 8.29 12.30 -31.62
CA LEU G 13 6.93 11.92 -32.09
C LEU G 13 6.63 12.58 -33.42
N PRO G 14 6.12 11.77 -34.39
CA PRO G 14 5.77 12.25 -35.73
C PRO G 14 5.00 13.58 -35.75
N GLU G 15 4.75 14.09 -36.97
CA GLU G 15 4.05 15.38 -37.24
C GLU G 15 2.64 15.30 -36.67
N GLY G 16 2.29 16.25 -35.81
CA GLY G 16 0.93 16.36 -35.27
C GLY G 16 0.72 15.43 -34.11
N SER G 17 1.68 14.55 -33.81
CA SER G 17 1.58 13.64 -32.64
C SER G 17 2.12 14.36 -31.42
N TYR G 18 1.72 13.88 -30.24
CA TYR G 18 2.23 14.45 -28.99
C TYR G 18 1.90 13.51 -27.85
N ALA G 19 2.79 13.43 -26.87
CA ALA G 19 2.56 12.55 -25.71
C ALA G 19 3.13 13.19 -24.45
N GLN G 20 2.48 12.96 -23.31
CA GLN G 20 2.96 13.62 -22.08
C GLN G 20 2.13 13.14 -20.92
N ILE G 21 2.72 13.16 -19.74
CA ILE G 21 1.97 12.99 -18.47
C ILE G 21 1.43 14.36 -18.14
N VAL G 22 0.28 14.39 -17.51
CA VAL G 22 -0.17 15.61 -16.82
C VAL G 22 -0.58 15.15 -15.42
N GLU G 23 -0.44 16.07 -14.48
CA GLU G 23 -0.65 15.86 -13.04
C GLU G 23 -1.62 16.93 -12.59
N VAL G 24 -2.86 16.59 -12.29
CA VAL G 24 -3.85 17.63 -11.90
C VAL G 24 -3.72 17.83 -10.39
N LYS G 25 -3.13 18.97 -9.98
CA LYS G 25 -2.77 19.28 -8.57
C LYS G 25 -3.96 19.01 -7.66
N PRO G 26 -3.71 18.57 -6.40
CA PRO G 26 -4.79 18.03 -5.57
C PRO G 26 -5.89 19.01 -5.13
N LYS G 27 -7.14 18.53 -5.22
CA LYS G 27 -8.35 19.28 -4.82
C LYS G 27 -8.36 20.61 -5.58
N GLN G 28 -7.91 20.56 -6.82
CA GLN G 28 -7.98 21.67 -7.81
C GLN G 28 -8.96 21.21 -8.89
N THR G 29 -9.45 22.12 -9.73
CA THR G 29 -10.29 21.73 -10.90
C THR G 29 -9.64 22.29 -12.16
N VAL G 30 -9.72 21.52 -13.24
CA VAL G 30 -9.43 22.04 -14.60
C VAL G 30 -10.77 22.38 -15.24
N LYS G 31 -10.85 23.61 -15.74
CA LYS G 31 -12.08 24.34 -16.08
C LYS G 31 -12.52 23.88 -17.46
N LYS G 32 -13.76 24.19 -17.84
CA LYS G 32 -14.36 23.77 -19.12
C LYS G 32 -13.58 24.40 -20.29
N HIS G 33 -13.21 23.57 -21.25
CA HIS G 33 -12.47 23.94 -22.48
C HIS G 33 -12.73 22.92 -23.57
N TYR G 34 -12.22 23.20 -24.76
CA TYR G 34 -12.21 22.20 -25.85
C TYR G 34 -11.00 22.49 -26.73
N HIS G 35 -10.75 21.57 -27.65
CA HIS G 35 -9.69 21.72 -28.68
C HIS G 35 -10.38 21.88 -30.05
N GLU G 36 -9.93 22.87 -30.82
CA GLU G 36 -10.46 23.15 -32.16
C GLU G 36 -10.35 21.86 -32.97
N ARG G 37 -9.14 21.26 -33.02
CA ARG G 37 -8.78 20.19 -33.99
C ARG G 37 -8.14 18.96 -33.36
N GLN G 38 -7.63 19.04 -32.12
CA GLN G 38 -6.84 17.91 -31.55
C GLN G 38 -7.70 16.99 -30.68
N TYR G 39 -7.29 15.72 -30.72
CA TYR G 39 -7.84 14.59 -29.95
C TYR G 39 -6.98 14.49 -28.71
N GLU G 40 -7.61 14.15 -27.58
CA GLU G 40 -6.93 13.82 -26.32
C GLU G 40 -7.19 12.31 -26.04
N LEU G 41 -6.16 11.44 -25.96
CA LEU G 41 -6.32 10.07 -25.39
C LEU G 41 -5.82 10.01 -23.96
N PHE G 42 -6.66 9.72 -22.97
CA PHE G 42 -6.21 9.63 -21.55
C PHE G 42 -6.05 8.18 -21.16
N TYR G 43 -4.98 7.88 -20.44
CA TYR G 43 -5.01 6.67 -19.61
C TYR G 43 -4.78 7.15 -18.20
N ILE G 44 -5.76 6.93 -17.29
CA ILE G 44 -5.76 7.45 -15.87
C ILE G 44 -4.78 6.60 -15.09
N ILE G 45 -3.74 7.24 -14.55
CA ILE G 45 -2.57 6.52 -13.95
C ILE G 45 -2.79 6.34 -12.47
N SER G 46 -3.10 7.43 -11.76
CA SER G 46 -3.26 7.36 -10.29
C SER G 46 -4.20 8.46 -9.81
N GLY G 47 -4.63 8.32 -8.56
CA GLY G 47 -5.68 9.15 -7.96
C GLY G 47 -7.01 8.88 -8.60
N GLU G 48 -7.97 9.73 -8.26
CA GLU G 48 -9.41 9.66 -8.61
C GLU G 48 -9.82 11.08 -8.99
N ALA G 49 -10.71 11.24 -9.98
CA ALA G 49 -11.35 12.54 -10.23
C ALA G 49 -12.70 12.36 -10.92
N ARG G 50 -13.50 13.43 -10.85
CA ARG G 50 -14.67 13.66 -11.71
C ARG G 50 -14.16 14.12 -13.06
N LEU G 51 -14.48 13.41 -14.13
CA LEU G 51 -14.03 13.75 -15.50
C LEU G 51 -15.25 13.90 -16.39
N GLY G 52 -15.49 15.10 -16.94
CA GLY G 52 -16.54 15.37 -17.94
C GLY G 52 -16.01 15.33 -19.37
N ILE G 53 -16.70 14.63 -20.28
CA ILE G 53 -16.48 14.78 -21.75
C ILE G 53 -17.82 15.01 -22.42
N GLY G 54 -17.95 16.09 -23.21
CA GLY G 54 -19.26 16.46 -23.80
C GLY G 54 -20.39 16.35 -22.78
N ASP G 55 -21.28 15.35 -22.89
CA ASP G 55 -22.53 15.33 -22.07
C ASP G 55 -22.47 14.31 -20.94
N THR G 56 -21.28 13.79 -20.62
CA THR G 56 -21.13 12.70 -19.64
C THR G 56 -20.01 13.04 -18.66
N GLU G 57 -20.35 12.90 -17.37
CA GLU G 57 -19.36 12.94 -16.26
C GLU G 57 -19.06 11.54 -15.72
N TYR G 58 -17.78 11.17 -15.72
CA TYR G 58 -17.27 9.89 -15.16
C TYR G 58 -16.61 10.11 -13.82
N GLN G 59 -16.69 9.09 -12.98
CA GLN G 59 -15.84 9.01 -11.78
C GLN G 59 -14.57 8.25 -12.15
N ALA G 60 -13.59 8.93 -12.77
CA ALA G 60 -12.35 8.41 -13.38
C ALA G 60 -11.49 7.81 -12.28
N LYS G 61 -11.18 6.52 -12.43
CA LYS G 61 -10.28 5.75 -11.55
C LYS G 61 -9.15 5.27 -12.46
N PRO G 62 -7.98 4.85 -11.92
CA PRO G 62 -6.88 4.28 -12.69
C PRO G 62 -7.29 3.09 -13.55
N GLY G 63 -6.79 3.03 -14.78
CA GLY G 63 -7.08 1.90 -15.68
C GLY G 63 -8.21 2.20 -16.60
N ASP G 64 -8.92 3.30 -16.34
CA ASP G 64 -9.82 3.89 -17.34
C ASP G 64 -8.96 4.49 -18.43
N ILE G 65 -9.48 4.36 -19.62
CA ILE G 65 -8.97 5.04 -20.83
C ILE G 65 -10.09 5.96 -21.35
N PHE G 66 -9.78 7.19 -21.73
CA PHE G 66 -10.80 8.11 -22.28
C PHE G 66 -10.31 8.69 -23.58
N LEU G 67 -11.25 9.03 -24.45
CA LEU G 67 -10.99 9.80 -25.69
C LEU G 67 -11.80 11.10 -25.58
N VAL G 68 -11.12 12.21 -25.81
CA VAL G 68 -11.73 13.57 -26.03
C VAL G 68 -11.56 13.94 -27.49
N LYS G 69 -12.61 13.74 -28.31
CA LYS G 69 -12.59 14.25 -29.68
C LYS G 69 -12.71 15.78 -29.64
N PRO G 70 -12.37 16.49 -30.75
CA PRO G 70 -12.36 17.96 -30.75
C PRO G 70 -13.75 18.60 -30.78
N LYS G 71 -13.82 19.90 -30.42
CA LYS G 71 -15.10 20.65 -30.23
C LYS G 71 -15.99 19.87 -29.26
N THR G 72 -15.38 19.19 -28.28
CA THR G 72 -16.02 18.48 -27.17
C THR G 72 -15.43 19.13 -25.91
N VAL G 73 -16.31 19.43 -24.95
CA VAL G 73 -15.91 20.23 -23.75
C VAL G 73 -15.61 19.25 -22.65
N HIS G 74 -14.54 19.54 -21.94
CA HIS G 74 -14.11 18.69 -20.82
C HIS G 74 -13.66 19.52 -19.64
N TRP G 75 -13.70 18.84 -18.50
CA TRP G 75 -13.31 19.38 -17.19
C TRP G 75 -12.85 18.19 -16.36
N VAL G 76 -12.05 18.47 -15.36
CA VAL G 76 -11.81 17.49 -14.27
C VAL G 76 -12.10 18.26 -12.99
N VAL G 77 -12.63 17.53 -12.00
CA VAL G 77 -12.58 18.00 -10.58
C VAL G 77 -11.88 16.91 -9.81
N ASN G 78 -10.73 17.26 -9.24
CA ASN G 78 -10.01 16.40 -8.25
C ASN G 78 -10.57 16.77 -6.88
N GLU G 79 -11.18 15.81 -6.19
CA GLU G 79 -11.66 16.05 -4.81
C GLU G 79 -10.84 15.13 -3.90
N LYS G 80 -9.58 14.91 -4.26
CA LYS G 80 -8.71 13.99 -3.47
C LYS G 80 -7.38 14.68 -3.16
N ASP G 81 -6.81 14.39 -1.98
CA ASP G 81 -5.49 14.96 -1.60
C ASP G 81 -4.45 14.46 -2.60
N GLU G 82 -4.55 13.20 -3.01
CA GLU G 82 -3.60 12.66 -4.03
C GLU G 82 -3.79 13.37 -5.37
N PRO G 83 -2.72 13.69 -6.12
CA PRO G 83 -2.84 14.28 -7.46
C PRO G 83 -3.45 13.32 -8.49
N PHE G 84 -4.24 13.83 -9.44
CA PHE G 84 -4.80 12.97 -10.52
C PHE G 84 -3.77 12.90 -11.65
N ARG G 85 -3.25 11.71 -11.95
CA ARG G 85 -2.14 11.65 -12.94
C ARG G 85 -2.62 10.84 -14.14
N LEU G 86 -2.43 11.35 -15.33
CA LEU G 86 -2.96 10.61 -16.50
C LEU G 86 -1.93 10.60 -17.61
N PHE G 87 -2.02 9.60 -18.49
CA PHE G 87 -1.08 9.47 -19.62
C PHE G 87 -1.84 10.10 -20.77
N VAL G 88 -1.26 11.08 -21.43
CA VAL G 88 -2.04 11.75 -22.48
C VAL G 88 -1.38 11.54 -23.83
N VAL G 89 -2.21 11.27 -24.81
CA VAL G 89 -1.68 11.34 -26.19
C VAL G 89 -2.57 12.31 -26.99
N LYS G 90 -1.94 13.13 -27.81
CA LYS G 90 -2.76 14.10 -28.55
C LYS G 90 -2.64 13.78 -30.02
N LEU G 91 -3.79 13.65 -30.68
CA LEU G 91 -3.80 13.30 -32.10
C LEU G 91 -4.35 14.47 -32.89
N ASN G 92 -4.01 14.45 -34.18
CA ASN G 92 -4.18 15.63 -35.05
C ASN G 92 -3.95 16.86 -34.16
N TYR G 93 -2.69 17.09 -33.75
CA TYR G 93 -2.27 18.18 -32.85
C TYR G 93 -1.55 19.24 -33.69
N HIS G 94 -2.17 20.41 -33.88
CA HIS G 94 -1.58 21.57 -34.59
C HIS G 94 -1.09 22.61 -33.58
N GLY G 95 -0.58 22.17 -32.41
CA GLY G 95 -0.09 23.06 -31.35
C GLY G 95 -1.19 23.39 -30.36
N ASP G 96 -1.18 24.61 -29.84
CA ASP G 96 -2.17 25.07 -28.84
C ASP G 96 -3.46 25.44 -29.57
N ASP G 97 -4.58 24.82 -29.18
CA ASP G 97 -5.92 25.09 -29.78
C ASP G 97 -7.02 25.24 -28.69
N SER G 98 -6.65 25.04 -27.38
CA SER G 98 -7.63 25.07 -26.26
C SER G 98 -8.48 26.37 -26.32
N VAL G 99 -9.72 26.26 -26.82
CA VAL G 99 -10.68 27.36 -26.58
C VAL G 99 -11.22 27.10 -25.17
N TRP G 100 -10.85 27.97 -24.25
CA TRP G 100 -11.28 27.83 -22.83
C TRP G 100 -12.63 28.52 -22.69
N LEU G 101 -13.68 27.73 -22.42
CA LEU G 101 -15.05 28.18 -22.00
C LEU G 101 -14.80 29.23 -20.91
N ASN H 1 -13.81 -18.84 17.00
CA ASN H 1 -14.15 -20.12 16.31
C ASN H 1 -13.98 -19.97 14.78
N LEU H 2 -13.30 -20.95 14.15
CA LEU H 2 -13.18 -21.13 12.68
C LEU H 2 -13.54 -22.57 12.31
N ILE H 3 -14.45 -22.79 11.34
CA ILE H 3 -14.97 -24.15 11.04
C ILE H 3 -14.04 -24.85 10.02
N ASP H 4 -13.72 -24.15 8.93
CA ASP H 4 -12.77 -24.67 7.92
C ASP H 4 -13.42 -25.79 7.11
N ARG H 5 -14.36 -25.45 6.21
CA ARG H 5 -15.01 -26.46 5.33
C ARG H 5 -14.02 -26.88 4.24
N GLY H 6 -12.72 -26.86 4.56
CA GLY H 6 -11.65 -27.25 3.63
C GLY H 6 -11.48 -26.24 2.52
N THR H 7 -12.49 -26.11 1.66
CA THR H 7 -12.50 -25.16 0.53
C THR H 7 -12.51 -23.71 1.02
N TYR H 8 -13.27 -23.47 2.09
CA TYR H 8 -13.49 -22.12 2.65
C TYR H 8 -13.51 -22.25 4.17
N ARG H 9 -12.97 -21.26 4.87
CA ARG H 9 -13.15 -21.14 6.34
C ARG H 9 -14.50 -20.46 6.58
N LYS H 10 -14.98 -20.57 7.80
CA LYS H 10 -16.31 -20.14 8.24
C LYS H 10 -16.19 -19.61 9.68
N LEU H 11 -16.61 -18.35 9.89
CA LEU H 11 -16.31 -17.62 11.16
C LEU H 11 -17.55 -16.89 11.67
N PRO H 12 -18.48 -17.67 12.29
CA PRO H 12 -19.76 -17.11 12.73
C PRO H 12 -19.55 -15.79 13.48
N LEU H 13 -20.58 -14.93 13.53
CA LEU H 13 -20.61 -13.81 14.50
C LEU H 13 -21.98 -13.71 15.18
N PRO H 19 -32.63 -12.48 15.08
CA PRO H 19 -33.82 -13.29 15.37
C PRO H 19 -33.88 -14.53 14.47
N GLU H 20 -35.10 -15.03 14.20
CA GLU H 20 -35.27 -16.24 13.35
C GLU H 20 -34.79 -15.92 11.93
N GLY H 21 -34.14 -16.90 11.29
CA GLY H 21 -33.62 -16.69 9.91
C GLY H 21 -32.70 -15.49 9.89
N SER H 22 -31.86 -15.33 10.91
CA SER H 22 -31.00 -14.13 11.01
C SER H 22 -29.56 -14.53 11.37
N TYR H 23 -28.91 -15.33 10.53
CA TYR H 23 -27.51 -15.71 10.77
C TYR H 23 -26.54 -14.73 10.12
N ALA H 24 -25.39 -14.51 10.78
CA ALA H 24 -24.27 -13.71 10.28
C ALA H 24 -22.96 -14.48 10.43
N GLN H 25 -22.00 -14.27 9.51
CA GLN H 25 -20.63 -14.78 9.69
C GLN H 25 -19.73 -14.15 8.64
N ILE H 26 -18.42 -14.26 8.81
CA ILE H 26 -17.45 -14.03 7.71
C ILE H 26 -17.13 -15.43 7.17
N VAL H 27 -16.70 -15.48 5.90
CA VAL H 27 -16.07 -16.69 5.32
C VAL H 27 -14.92 -16.18 4.46
N GLU H 28 -13.98 -17.08 4.20
CA GLU H 28 -12.77 -16.81 3.40
C GLU H 28 -12.63 -17.93 2.40
N VAL H 29 -12.65 -17.61 1.12
CA VAL H 29 -12.31 -18.62 0.11
C VAL H 29 -10.79 -18.67 -0.01
N LYS H 30 -10.19 -19.74 0.55
CA LYS H 30 -8.71 -19.95 0.67
C LYS H 30 -8.05 -19.66 -0.67
N PRO H 31 -6.81 -19.13 -0.68
CA PRO H 31 -6.15 -18.82 -1.95
C PRO H 31 -6.15 -20.00 -2.94
N LYS H 32 -6.19 -19.71 -4.24
CA LYS H 32 -6.19 -20.69 -5.36
C LYS H 32 -6.99 -21.92 -4.96
N GLN H 33 -8.21 -21.69 -4.44
CA GLN H 33 -9.25 -22.73 -4.26
C GLN H 33 -10.58 -22.17 -4.75
N THR H 34 -11.48 -23.07 -5.12
CA THR H 34 -12.81 -22.75 -5.69
C THR H 34 -13.86 -23.42 -4.84
N VAL H 35 -14.94 -22.70 -4.55
CA VAL H 35 -16.13 -23.31 -3.91
C VAL H 35 -17.11 -23.70 -4.99
N LYS H 36 -17.62 -24.93 -4.83
CA LYS H 36 -18.21 -25.80 -5.88
C LYS H 36 -19.63 -25.32 -6.12
N LYS H 37 -20.34 -25.89 -7.09
CA LYS H 37 -21.71 -25.42 -7.41
C LYS H 37 -22.68 -26.03 -6.40
N HIS H 38 -23.51 -25.19 -5.76
CA HIS H 38 -24.50 -25.66 -4.75
C HIS H 38 -25.73 -24.74 -4.66
N TYR H 39 -26.73 -25.14 -3.87
CA TYR H 39 -27.90 -24.23 -3.68
C TYR H 39 -28.46 -24.41 -2.27
N HIS H 40 -29.39 -23.53 -1.87
CA HIS H 40 -30.00 -23.60 -0.52
C HIS H 40 -31.50 -23.89 -0.67
N GLU H 41 -32.02 -24.85 0.09
CA GLU H 41 -33.45 -25.22 -0.02
C GLU H 41 -34.32 -23.99 0.28
N ARG H 42 -33.96 -23.18 1.27
CA ARG H 42 -34.85 -22.06 1.64
C ARG H 42 -34.11 -20.76 2.02
N GLN H 43 -32.82 -20.80 2.35
CA GLN H 43 -32.18 -19.57 2.90
C GLN H 43 -31.65 -18.71 1.76
N TYR H 44 -31.69 -17.41 2.01
CA TYR H 44 -31.08 -16.36 1.19
C TYR H 44 -29.70 -16.11 1.77
N GLU H 45 -28.71 -15.81 0.92
CA GLU H 45 -27.38 -15.36 1.38
C GLU H 45 -27.20 -13.88 0.96
N LEU H 46 -26.85 -12.97 1.88
CA LEU H 46 -26.37 -11.59 1.56
C LEU H 46 -24.86 -11.53 1.77
N PHE H 47 -24.10 -11.32 0.71
CA PHE H 47 -22.61 -11.19 0.76
C PHE H 47 -22.21 -9.75 0.64
N TYR H 48 -21.21 -9.34 1.42
CA TYR H 48 -20.48 -8.11 1.19
C TYR H 48 -19.01 -8.49 1.02
N ILE H 49 -18.47 -8.27 -0.20
CA ILE H 49 -17.06 -8.65 -0.47
C ILE H 49 -16.14 -7.72 0.28
N ILE H 50 -15.39 -8.29 1.23
CA ILE H 50 -14.49 -7.57 2.14
C ILE H 50 -13.14 -7.36 1.50
N SER H 51 -12.49 -8.43 1.08
CA SER H 51 -11.16 -8.35 0.45
C SER H 51 -10.96 -9.55 -0.47
N GLY H 52 -9.86 -9.52 -1.22
CA GLY H 52 -9.65 -10.44 -2.35
C GLY H 52 -10.49 -10.04 -3.53
N GLU H 53 -10.44 -10.90 -4.55
CA GLU H 53 -11.05 -10.75 -5.90
C GLU H 53 -11.29 -12.17 -6.42
N ALA H 54 -12.55 -12.52 -6.71
CA ALA H 54 -12.89 -13.83 -7.28
C ALA H 54 -13.98 -13.70 -8.34
N ARG H 55 -14.06 -14.75 -9.15
CA ARG H 55 -15.23 -15.06 -10.00
C ARG H 55 -16.32 -15.60 -9.08
N LEU H 56 -17.46 -14.91 -9.06
CA LEU H 56 -18.65 -15.39 -8.32
C LEU H 56 -19.79 -15.57 -9.31
N GLY H 57 -20.39 -16.77 -9.31
CA GLY H 57 -21.57 -17.17 -10.10
C GLY H 57 -22.85 -17.28 -9.25
N ILE H 58 -23.95 -16.66 -9.71
CA ILE H 58 -25.31 -16.90 -9.17
C ILE H 58 -26.23 -17.23 -10.37
N GLY H 59 -26.87 -18.43 -10.41
CA GLY H 59 -27.79 -18.84 -11.52
C GLY H 59 -27.20 -18.50 -12.91
N ASP H 60 -27.80 -17.59 -13.72
CA ASP H 60 -27.32 -17.26 -15.10
C ASP H 60 -26.19 -16.21 -15.22
N THR H 61 -25.56 -15.73 -14.14
CA THR H 61 -24.53 -14.66 -14.21
C THR H 61 -23.30 -15.03 -13.37
N GLU H 62 -22.13 -14.67 -13.88
CA GLU H 62 -20.81 -14.78 -13.21
C GLU H 62 -20.25 -13.35 -13.13
N TYR H 63 -19.89 -12.92 -11.90
CA TYR H 63 -19.30 -11.58 -11.63
C TYR H 63 -17.81 -11.67 -11.38
N GLN H 64 -17.13 -10.53 -11.61
CA GLN H 64 -15.79 -10.24 -11.09
C GLN H 64 -15.93 -9.57 -9.71
N ALA H 65 -16.04 -10.37 -8.64
CA ALA H 65 -16.30 -9.89 -7.28
C ALA H 65 -15.07 -9.12 -6.82
N LYS H 66 -15.27 -7.84 -6.53
CA LYS H 66 -14.25 -6.92 -6.03
C LYS H 66 -14.74 -6.38 -4.69
N PRO H 67 -13.84 -5.99 -3.76
CA PRO H 67 -14.27 -5.53 -2.45
C PRO H 67 -15.31 -4.42 -2.62
N GLY H 68 -16.37 -4.41 -1.81
CA GLY H 68 -17.39 -3.32 -1.89
C GLY H 68 -18.61 -3.72 -2.64
N ASP H 69 -18.52 -4.84 -3.35
CA ASP H 69 -19.62 -5.41 -4.13
C ASP H 69 -20.47 -6.21 -3.19
N ILE H 70 -21.75 -6.04 -3.38
CA ILE H 70 -22.73 -6.69 -2.51
C ILE H 70 -23.51 -7.62 -3.40
N PHE H 71 -23.79 -8.81 -2.91
CA PHE H 71 -24.61 -9.79 -3.67
C PHE H 71 -25.72 -10.37 -2.82
N LEU H 72 -26.78 -10.80 -3.51
CA LEU H 72 -27.85 -11.64 -2.93
C LEU H 72 -27.98 -12.94 -3.74
N VAL H 73 -28.03 -14.05 -3.02
CA VAL H 73 -28.24 -15.42 -3.55
C VAL H 73 -29.54 -15.87 -2.93
N LYS H 74 -30.63 -15.81 -3.70
CA LYS H 74 -31.90 -16.36 -3.23
C LYS H 74 -31.66 -17.87 -3.11
N PRO H 75 -32.59 -18.66 -2.52
CA PRO H 75 -32.43 -20.11 -2.48
C PRO H 75 -32.84 -20.80 -3.79
N LYS H 76 -32.47 -22.08 -3.88
CA LYS H 76 -32.68 -22.88 -5.10
C LYS H 76 -32.00 -22.18 -6.27
N THR H 77 -30.98 -21.35 -5.98
CA THR H 77 -30.19 -20.62 -7.00
C THR H 77 -28.73 -21.01 -6.82
N VAL H 78 -28.12 -21.44 -7.94
CA VAL H 78 -26.83 -22.18 -7.88
C VAL H 78 -25.75 -21.13 -7.89
N HIS H 79 -24.90 -21.19 -6.87
CA HIS H 79 -23.77 -20.26 -6.73
C HIS H 79 -22.46 -21.01 -6.46
N TRP H 80 -21.38 -20.32 -6.76
CA TRP H 80 -19.99 -20.83 -6.77
C TRP H 80 -19.07 -19.62 -6.72
N VAL H 81 -17.88 -19.82 -6.16
CA VAL H 81 -16.76 -18.86 -6.19
C VAL H 81 -15.53 -19.64 -6.63
N VAL H 82 -14.77 -19.08 -7.56
CA VAL H 82 -13.40 -19.58 -7.90
C VAL H 82 -12.43 -18.45 -7.55
N ASN H 83 -11.65 -18.64 -6.48
CA ASN H 83 -10.64 -17.64 -6.03
C ASN H 83 -9.30 -17.90 -6.71
N GLU H 84 -9.07 -17.29 -7.87
CA GLU H 84 -7.78 -17.37 -8.59
C GLU H 84 -6.68 -16.73 -7.75
N LYS H 85 -6.99 -15.65 -7.02
CA LYS H 85 -5.96 -14.83 -6.34
C LYS H 85 -5.15 -15.57 -5.27
N ASP H 86 -3.87 -15.21 -5.15
CA ASP H 86 -2.91 -15.85 -4.21
C ASP H 86 -3.33 -15.69 -2.75
N GLU H 87 -3.90 -14.55 -2.36
CA GLU H 87 -4.39 -14.37 -0.97
C GLU H 87 -5.87 -14.76 -0.85
N PRO H 88 -6.48 -14.77 0.36
CA PRO H 88 -7.89 -15.10 0.52
C PRO H 88 -8.86 -14.07 -0.06
N PHE H 89 -9.99 -14.60 -0.55
CA PHE H 89 -11.23 -13.90 -0.94
C PHE H 89 -12.15 -13.91 0.27
N ARG H 90 -12.35 -12.75 0.93
CA ARG H 90 -13.01 -12.65 2.26
C ARG H 90 -14.36 -11.94 2.07
N LEU H 91 -15.40 -12.40 2.78
CA LEU H 91 -16.72 -11.71 2.69
C LEU H 91 -17.55 -11.85 3.95
N PHE H 92 -18.41 -10.85 4.10
CA PHE H 92 -19.26 -10.75 5.30
C PHE H 92 -20.51 -11.39 4.79
N VAL H 93 -21.09 -12.30 5.54
CA VAL H 93 -22.28 -12.98 4.98
C VAL H 93 -23.39 -12.82 5.98
N VAL H 94 -24.62 -12.62 5.47
CA VAL H 94 -25.82 -12.69 6.33
C VAL H 94 -26.78 -13.68 5.70
N LYS H 95 -27.28 -14.60 6.50
CA LYS H 95 -28.24 -15.55 5.94
C LYS H 95 -29.60 -15.15 6.47
N LEU H 96 -30.60 -15.15 5.59
CA LEU H 96 -32.00 -15.02 6.00
C LEU H 96 -32.71 -16.35 5.74
N ASN H 97 -33.94 -16.46 6.23
CA ASN H 97 -34.74 -17.71 6.40
C ASN H 97 -33.79 -18.88 6.65
N SER H 103 -27.29 -26.72 2.45
CA SER H 103 -26.62 -26.72 1.11
C SER H 103 -26.90 -28.03 0.34
N VAL H 104 -27.43 -27.93 -0.87
CA VAL H 104 -27.58 -29.08 -1.81
C VAL H 104 -26.57 -28.95 -2.95
N TRP H 105 -25.56 -29.83 -3.00
CA TRP H 105 -24.34 -29.62 -3.83
C TRP H 105 -24.53 -30.24 -5.22
N LEU H 106 -24.37 -29.43 -6.28
CA LEU H 106 -24.29 -30.05 -7.64
C LEU H 106 -23.09 -31.00 -7.66
ZN ZN I . 4.33 -3.87 -32.26
ZN ZN J . 12.11 4.71 -23.23
ZN ZN K . -30.89 3.05 12.59
ZN ZN L . -7.63 18.53 -20.16
#